data_9HL0
#
_entry.id   9HL0
#
_cell.length_a   127.300
_cell.length_b   127.300
_cell.length_c   123.958
_cell.angle_alpha   90.00
_cell.angle_beta   90.00
_cell.angle_gamma   90.00
#
_symmetry.space_group_name_H-M   'P 43 21 2'
#
loop_
_entity.id
_entity.type
_entity.pdbx_description
1 polymer 'Casein kinase II subunit alpha'
2 non-polymer 'SULFATE ION'
3 non-polymer DI(HYDROXYETHYL)ETHER
4 non-polymer 5,7-bis(fluoranyl)-1~{H}-indole
5 water water
#
_entity_poly.entity_id   1
_entity_poly.type   'polypeptide(L)'
_entity_poly.pdbx_seq_one_letter_code
;MHHHHHHSSGVDLGTENLYFQSMSGPVPSRARVYTDVNTHRPREYWDYESHVVEWGNQDDYQLVRKLGRGKYSEVFEAIN
ITNNEKVVVKILKPVKKKKIKREIKILENLRGGPNIITLADIVKDPVSRTPALVFEHVNNTDFKQLYQTLTDYDIRFYMY
EILKALDYCHSMGIMHRDVKPHNVMIDHEHRKLRLIDWGLAEFYHPGQEYNVRVASRYFKGPELLVDYQMYDYSLDMWSL
GCMLASMIFRKEPFFHGHDNYDQLVRIAKVLGTEDLYDYIDKYNIELDPRFNDILGRHSRKRWERFVHSENQHLVSPEAL
DFLDKLLRYDHQSRLTAREAMEHPYFYTVVKDQARMGSS
;
_entity_poly.pdbx_strand_id   A,B
#
loop_
_chem_comp.id
_chem_comp.type
_chem_comp.name
_chem_comp.formula
A1IVS non-polymer 5,7-bis(fluoranyl)-1~{H}-indole 'C8 H5 F2 N'
PEG non-polymer DI(HYDROXYETHYL)ETHER 'C4 H10 O3'
SO4 non-polymer 'SULFATE ION' 'O4 S -2'
#
# COMPACT_ATOMS: atom_id res chain seq x y z
N SER A 24 1.53 -25.49 -27.20
CA SER A 24 1.66 -26.85 -26.67
C SER A 24 0.83 -27.05 -25.39
N GLY A 25 1.53 -27.03 -24.25
CA GLY A 25 0.95 -27.19 -22.94
C GLY A 25 1.60 -26.24 -21.95
N PRO A 26 1.57 -26.58 -20.64
CA PRO A 26 1.94 -25.58 -19.63
C PRO A 26 3.42 -25.23 -19.66
N VAL A 27 3.68 -23.93 -19.54
CA VAL A 27 5.05 -23.41 -19.52
C VAL A 27 5.70 -23.78 -18.19
N PRO A 28 6.94 -24.27 -18.20
CA PRO A 28 7.54 -24.79 -16.96
C PRO A 28 8.06 -23.69 -16.06
N SER A 29 8.26 -24.04 -14.78
CA SER A 29 8.71 -23.09 -13.77
C SER A 29 9.78 -23.72 -12.87
N ARG A 30 10.53 -22.83 -12.21
CA ARG A 30 11.63 -23.17 -11.33
C ARG A 30 11.60 -22.21 -10.16
N ALA A 31 12.05 -22.67 -9.00
CA ALA A 31 12.09 -21.79 -7.83
C ALA A 31 13.18 -20.72 -8.00
N ARG A 32 12.86 -19.49 -7.64
CA ARG A 32 13.87 -18.43 -7.75
C ARG A 32 15.04 -18.72 -6.83
N VAL A 33 14.78 -19.37 -5.69
CA VAL A 33 15.81 -19.64 -4.70
C VAL A 33 15.80 -21.11 -4.31
N TYR A 34 16.92 -21.56 -3.73
CA TYR A 34 17.04 -22.90 -3.19
C TYR A 34 16.72 -23.97 -4.23
N THR A 35 16.83 -23.61 -5.51
CA THR A 35 16.45 -24.47 -6.62
C THR A 35 17.11 -25.85 -6.58
N ASP A 36 18.43 -25.90 -6.70
CA ASP A 36 19.11 -27.17 -6.88
C ASP A 36 19.63 -27.77 -5.59
N VAL A 37 19.26 -27.17 -4.46
CA VAL A 37 19.67 -27.56 -3.12
C VAL A 37 19.66 -29.09 -2.92
N ASN A 38 18.58 -29.75 -3.36
CA ASN A 38 18.49 -31.21 -3.20
C ASN A 38 19.50 -31.95 -4.10
N THR A 39 19.58 -31.57 -5.38
CA THR A 39 20.46 -32.25 -6.32
C THR A 39 21.89 -32.37 -5.79
N HIS A 40 22.26 -31.54 -4.83
CA HIS A 40 23.61 -31.48 -4.29
C HIS A 40 23.72 -32.17 -2.94
N ARG A 41 22.68 -32.85 -2.49
CA ARG A 41 22.79 -33.69 -1.32
C ARG A 41 22.84 -35.16 -1.75
N PRO A 42 23.31 -36.04 -0.89
CA PRO A 42 23.27 -37.46 -1.22
C PRO A 42 21.82 -37.89 -1.44
N ARG A 43 21.64 -38.85 -2.35
CA ARG A 43 20.32 -39.35 -2.72
C ARG A 43 19.45 -39.58 -1.49
N GLU A 44 20.00 -40.31 -0.52
CA GLU A 44 19.22 -40.75 0.64
C GLU A 44 18.48 -39.59 1.29
N TYR A 45 19.01 -38.37 1.16
CA TYR A 45 18.43 -37.22 1.86
C TYR A 45 16.99 -37.02 1.45
N TRP A 46 16.71 -36.96 0.15
CA TRP A 46 15.36 -36.68 -0.32
C TRP A 46 14.60 -37.92 -0.81
N ASP A 47 15.31 -39.01 -1.13
CA ASP A 47 14.69 -40.25 -1.58
C ASP A 47 13.96 -40.94 -0.43
N TYR A 48 12.92 -40.30 0.10
CA TYR A 48 12.26 -40.81 1.31
C TYR A 48 11.63 -42.17 1.09
N GLU A 49 11.47 -42.59 -0.16
CA GLU A 49 10.83 -43.87 -0.42
C GLU A 49 11.68 -45.03 0.10
N SER A 50 13.00 -44.92 -0.02
CA SER A 50 13.94 -45.97 0.32
CA SER A 50 13.89 -46.01 0.34
C SER A 50 14.49 -45.84 1.73
N HIS A 51 14.04 -44.84 2.48
CA HIS A 51 14.42 -44.64 3.88
C HIS A 51 13.80 -45.69 4.78
N VAL A 52 14.63 -46.35 5.61
CA VAL A 52 14.17 -47.39 6.53
C VAL A 52 13.85 -46.75 7.88
N VAL A 53 12.73 -47.14 8.49
CA VAL A 53 12.26 -46.54 9.74
C VAL A 53 12.92 -47.18 10.96
N GLU A 54 13.54 -46.34 11.79
CA GLU A 54 14.15 -46.83 13.05
C GLU A 54 13.07 -46.72 14.11
N TRP A 55 12.38 -47.83 14.39
CA TRP A 55 11.26 -47.82 15.34
C TRP A 55 11.75 -47.79 16.79
N GLY A 56 10.90 -47.35 17.73
CA GLY A 56 11.20 -47.36 19.14
C GLY A 56 10.13 -48.15 19.87
N ASN A 57 10.18 -48.11 21.21
CA ASN A 57 9.35 -48.96 22.06
C ASN A 57 8.19 -48.14 22.64
N GLN A 58 6.99 -48.34 22.08
CA GLN A 58 5.81 -47.69 22.63
C GLN A 58 5.66 -47.94 24.12
N ASP A 59 6.17 -49.08 24.61
CA ASP A 59 6.23 -49.30 26.05
C ASP A 59 6.93 -48.17 26.78
N ASP A 60 7.71 -47.34 26.09
CA ASP A 60 8.40 -46.26 26.78
C ASP A 60 7.46 -45.12 27.16
N TYR A 61 6.26 -45.07 26.58
CA TYR A 61 5.34 -43.96 26.80
C TYR A 61 4.00 -44.44 27.32
N GLN A 62 3.40 -43.62 28.18
CA GLN A 62 2.05 -43.82 28.68
C GLN A 62 1.22 -42.61 28.29
N LEU A 63 0.18 -42.83 27.49
CA LEU A 63 -0.72 -41.74 27.09
C LEU A 63 -1.39 -41.16 28.32
N VAL A 64 -1.30 -39.83 28.46
CA VAL A 64 -1.91 -39.15 29.59
C VAL A 64 -3.31 -38.72 29.24
N ARG A 65 -3.44 -37.81 28.27
CA ARG A 65 -4.73 -37.25 27.91
C ARG A 65 -4.70 -36.81 26.46
N LYS A 66 -5.90 -36.69 25.86
CA LYS A 66 -6.02 -36.30 24.46
C LYS A 66 -6.01 -34.78 24.34
N LEU A 67 -5.24 -34.25 23.39
CA LEU A 67 -5.16 -32.81 23.22
C LEU A 67 -6.00 -32.27 22.07
N GLY A 68 -6.47 -33.13 21.18
CA GLY A 68 -7.27 -32.69 20.05
C GLY A 68 -7.26 -33.72 18.94
N ARG A 69 -8.12 -33.48 17.95
CA ARG A 69 -8.21 -34.39 16.81
C ARG A 69 -7.42 -33.82 15.63
N GLY A 70 -7.83 -34.17 14.42
CA GLY A 70 -7.10 -33.76 13.25
C GLY A 70 -7.45 -34.61 12.04
N LYS A 71 -7.01 -34.13 10.88
CA LYS A 71 -7.34 -34.81 9.63
C LYS A 71 -6.64 -36.15 9.54
N TYR A 72 -5.34 -36.18 9.88
CA TYR A 72 -4.50 -37.36 9.72
C TYR A 72 -4.02 -37.93 11.04
N SER A 73 -4.48 -37.40 12.18
CA SER A 73 -3.92 -37.83 13.45
C SER A 73 -4.77 -37.34 14.62
N GLU A 74 -4.80 -38.19 15.66
CA GLU A 74 -5.32 -37.89 16.98
C GLU A 74 -4.12 -37.65 17.89
N VAL A 75 -4.20 -36.65 18.76
CA VAL A 75 -3.00 -36.08 19.37
C VAL A 75 -3.09 -36.21 20.89
N PHE A 76 -2.18 -36.97 21.47
CA PHE A 76 -2.21 -37.19 22.90
C PHE A 76 -1.06 -36.49 23.59
N GLU A 77 -1.31 -36.07 24.83
CA GLU A 77 -0.19 -35.78 25.69
C GLU A 77 0.28 -37.08 26.33
N ALA A 78 1.59 -37.22 26.49
CA ALA A 78 2.09 -38.49 26.99
C ALA A 78 3.31 -38.23 27.86
N ILE A 79 3.68 -39.27 28.60
CA ILE A 79 4.86 -39.24 29.44
C ILE A 79 5.78 -40.37 29.00
N ASN A 80 7.02 -40.01 28.73
CA ASN A 80 8.12 -40.96 28.60
C ASN A 80 8.45 -41.46 30.00
N ILE A 81 8.02 -42.70 30.32
CA ILE A 81 8.25 -43.24 31.65
C ILE A 81 9.71 -43.51 31.93
N THR A 82 10.57 -43.35 30.91
CA THR A 82 12.02 -43.52 31.03
C THR A 82 12.67 -42.48 31.93
N ASN A 83 12.00 -41.33 32.15
CA ASN A 83 12.64 -40.14 32.69
C ASN A 83 11.61 -39.08 33.04
N ASN A 84 10.36 -39.51 33.23
CA ASN A 84 9.23 -38.61 33.56
C ASN A 84 9.19 -37.38 32.66
N GLU A 85 9.57 -37.54 31.39
CA GLU A 85 9.55 -36.44 30.44
C GLU A 85 8.17 -36.27 29.83
N LYS A 86 7.75 -35.01 29.67
CA LYS A 86 6.49 -34.69 29.00
C LYS A 86 6.72 -34.66 27.49
N VAL A 87 5.67 -35.05 26.74
CA VAL A 87 5.86 -35.42 25.35
C VAL A 87 4.52 -35.39 24.64
N VAL A 88 4.53 -35.12 23.34
CA VAL A 88 3.32 -35.16 22.53
C VAL A 88 3.39 -36.38 21.61
N VAL A 89 2.41 -37.27 21.74
CA VAL A 89 2.26 -38.41 20.85
C VAL A 89 1.16 -38.09 19.86
N LYS A 90 1.36 -38.50 18.62
CA LYS A 90 0.46 -38.18 17.50
C LYS A 90 0.27 -39.48 16.75
N ILE A 91 -0.87 -40.11 16.95
CA ILE A 91 -1.12 -41.39 16.29
C ILE A 91 -1.58 -41.08 14.88
N LEU A 92 -0.83 -41.59 13.90
CA LEU A 92 -1.12 -41.31 12.50
C LEU A 92 -2.41 -41.98 12.07
N LYS A 93 -3.14 -41.30 11.20
CA LYS A 93 -4.21 -42.04 10.58
C LYS A 93 -3.67 -42.74 9.33
N PRO A 94 -4.17 -43.92 9.04
CA PRO A 94 -3.52 -44.77 8.04
C PRO A 94 -3.42 -44.11 6.66
N VAL A 95 -2.21 -43.73 6.27
CA VAL A 95 -1.92 -43.39 4.88
C VAL A 95 -1.10 -44.53 4.29
N LYS A 96 -0.41 -44.29 3.18
CA LYS A 96 0.48 -45.29 2.60
C LYS A 96 1.87 -45.17 3.23
N LYS A 97 2.49 -46.30 3.55
CA LYS A 97 3.81 -46.33 4.13
C LYS A 97 4.77 -45.27 3.55
N LYS A 98 4.68 -44.96 2.26
CA LYS A 98 5.60 -43.98 1.70
C LYS A 98 5.28 -42.56 2.13
N LYS A 99 4.08 -42.31 2.67
CA LYS A 99 3.73 -40.98 3.20
C LYS A 99 4.23 -40.80 4.63
N ILE A 100 4.16 -41.87 5.44
CA ILE A 100 4.80 -41.87 6.76
C ILE A 100 6.31 -41.65 6.61
N LYS A 101 6.96 -42.45 5.75
CA LYS A 101 8.38 -42.29 5.53
C LYS A 101 8.69 -40.86 5.09
N ARG A 102 7.81 -40.26 4.28
CA ARG A 102 8.05 -38.88 3.87
C ARG A 102 8.01 -37.96 5.08
N GLU A 103 6.98 -38.08 5.91
CA GLU A 103 6.87 -37.18 7.04
C GLU A 103 8.05 -37.37 7.98
N ILE A 104 8.47 -38.63 8.21
CA ILE A 104 9.54 -38.88 9.17
C ILE A 104 10.86 -38.35 8.63
N LYS A 105 11.19 -38.71 7.39
CA LYS A 105 12.36 -38.18 6.73
C LYS A 105 12.48 -36.66 6.90
N ILE A 106 11.44 -35.92 6.49
CA ILE A 106 11.50 -34.47 6.51
C ILE A 106 11.77 -33.96 7.92
N LEU A 107 11.03 -34.50 8.91
CA LEU A 107 11.21 -34.07 10.29
C LEU A 107 12.64 -34.29 10.75
N GLU A 108 13.25 -35.41 10.35
CA GLU A 108 14.63 -35.67 10.74
C GLU A 108 15.60 -34.71 10.04
N ASN A 109 15.32 -34.30 8.81
CA ASN A 109 16.19 -33.32 8.16
C ASN A 109 16.07 -31.95 8.85
N LEU A 110 14.84 -31.52 9.11
CA LEU A 110 14.63 -30.23 9.74
C LEU A 110 14.96 -30.23 11.24
N ARG A 111 15.25 -31.39 11.83
CA ARG A 111 15.40 -31.46 13.28
C ARG A 111 16.53 -30.55 13.73
N GLY A 112 16.29 -29.75 14.76
CA GLY A 112 17.26 -28.80 15.21
C GLY A 112 17.16 -27.43 14.58
N GLY A 113 16.38 -27.28 13.51
CA GLY A 113 16.21 -25.99 12.87
C GLY A 113 15.29 -25.05 13.63
N PRO A 114 15.42 -23.75 13.33
CA PRO A 114 14.62 -22.73 14.04
C PRO A 114 13.12 -22.98 13.95
N ASN A 115 12.48 -23.03 15.12
CA ASN A 115 11.01 -23.07 15.22
C ASN A 115 10.44 -24.29 14.50
N ILE A 116 11.24 -25.33 14.40
CA ILE A 116 10.83 -26.59 13.79
C ILE A 116 10.48 -27.57 14.89
N ILE A 117 9.28 -28.16 14.82
CA ILE A 117 8.88 -29.16 15.80
C ILE A 117 9.89 -30.31 15.81
N THR A 118 10.32 -30.72 17.00
CA THR A 118 11.37 -31.71 17.18
C THR A 118 10.79 -33.12 17.27
N LEU A 119 11.13 -33.97 16.31
CA LEU A 119 10.66 -35.38 16.34
C LEU A 119 11.54 -36.18 17.29
N ALA A 120 10.91 -36.87 18.23
CA ALA A 120 11.59 -37.44 19.39
C ALA A 120 11.74 -38.95 19.36
N ASP A 121 10.79 -39.67 18.77
CA ASP A 121 10.82 -41.12 18.71
C ASP A 121 9.75 -41.53 17.72
N ILE A 122 9.79 -42.79 17.29
CA ILE A 122 8.76 -43.34 16.41
C ILE A 122 8.38 -44.71 16.92
N VAL A 123 7.08 -44.92 17.17
CA VAL A 123 6.56 -46.12 17.82
C VAL A 123 5.31 -46.56 17.10
N LYS A 124 4.64 -47.58 17.63
CA LYS A 124 3.42 -48.14 17.04
C LYS A 124 2.32 -48.19 18.09
N ASP A 125 1.14 -47.68 17.75
CA ASP A 125 -0.02 -47.84 18.61
C ASP A 125 -0.19 -49.31 18.98
N PRO A 126 -0.18 -49.67 20.26
CA PRO A 126 -0.07 -51.10 20.62
C PRO A 126 -1.31 -51.91 20.30
N VAL A 127 -2.48 -51.29 20.15
CA VAL A 127 -3.71 -52.06 19.92
C VAL A 127 -4.11 -52.10 18.44
N SER A 128 -3.46 -51.30 17.58
CA SER A 128 -3.56 -51.48 16.13
C SER A 128 -2.18 -51.77 15.56
N ARG A 129 -1.62 -50.79 14.89
CA ARG A 129 -0.22 -50.82 14.49
C ARG A 129 0.11 -49.45 13.97
N THR A 130 -0.91 -48.75 13.48
CA THR A 130 -0.80 -47.36 13.06
C THR A 130 0.42 -46.76 13.73
N PRO A 131 1.45 -46.40 12.97
CA PRO A 131 2.62 -45.78 13.60
C PRO A 131 2.22 -44.50 14.31
N ALA A 132 3.09 -44.05 15.20
CA ALA A 132 2.81 -42.89 16.01
C ALA A 132 4.09 -42.09 16.17
N LEU A 133 4.04 -40.82 15.79
CA LEU A 133 5.18 -39.94 16.00
C LEU A 133 5.15 -39.34 17.41
N VAL A 134 6.34 -39.16 17.99
CA VAL A 134 6.49 -38.62 19.33
C VAL A 134 7.30 -37.34 19.24
N PHE A 135 6.73 -36.23 19.76
CA PHE A 135 7.35 -34.92 19.57
C PHE A 135 7.66 -34.28 20.92
N GLU A 136 8.58 -33.33 20.85
CA GLU A 136 8.81 -32.43 21.97
C GLU A 136 7.51 -31.77 22.36
N HIS A 137 7.32 -31.55 23.66
CA HIS A 137 6.08 -30.93 24.12
C HIS A 137 6.15 -29.41 24.00
N VAL A 138 5.08 -28.81 23.46
CA VAL A 138 4.91 -27.36 23.41
C VAL A 138 3.50 -27.05 23.92
N ASN A 139 3.39 -26.28 25.01
CA ASN A 139 2.08 -25.80 25.40
C ASN A 139 1.52 -24.94 24.28
N ASN A 140 0.28 -25.23 23.89
CA ASN A 140 -0.42 -24.33 22.99
C ASN A 140 -1.12 -23.27 23.84
N THR A 141 -0.96 -22.01 23.46
CA THR A 141 -1.81 -20.97 24.03
C THR A 141 -3.03 -20.85 23.14
N ASP A 142 -4.21 -20.69 23.77
CA ASP A 142 -5.50 -20.86 23.09
C ASP A 142 -5.54 -20.16 21.73
N PHE A 143 -5.53 -20.94 20.65
CA PHE A 143 -5.53 -20.41 19.29
C PHE A 143 -6.62 -19.36 19.07
N LYS A 144 -7.65 -19.34 19.92
CA LYS A 144 -8.72 -18.34 19.88
C LYS A 144 -8.60 -17.30 21.00
N GLN A 145 -8.29 -17.74 22.22
CA GLN A 145 -7.98 -16.78 23.28
C GLN A 145 -6.74 -15.96 22.93
N LEU A 146 -5.85 -16.52 22.10
CA LEU A 146 -4.75 -15.78 21.49
C LEU A 146 -5.26 -15.09 20.23
N TYR A 147 -5.99 -14.00 20.43
CA TYR A 147 -6.46 -13.11 19.38
C TYR A 147 -6.81 -11.77 20.00
N GLN A 148 -7.64 -11.80 21.05
CA GLN A 148 -7.97 -10.58 21.81
C GLN A 148 -6.79 -10.07 22.63
N THR A 149 -5.60 -10.66 22.50
CA THR A 149 -4.41 -10.15 23.17
C THR A 149 -3.24 -9.88 22.21
N LEU A 150 -3.35 -10.22 20.93
CA LEU A 150 -2.29 -9.90 19.98
C LEU A 150 -2.28 -8.41 19.67
N THR A 151 -1.22 -7.75 20.13
CA THR A 151 -0.86 -6.44 19.64
C THR A 151 -0.20 -6.56 18.27
N ASP A 152 -0.10 -5.41 17.59
CA ASP A 152 0.49 -5.37 16.27
C ASP A 152 1.96 -5.78 16.30
N TYR A 153 2.60 -5.65 17.46
CA TYR A 153 3.95 -6.17 17.65
C TYR A 153 3.94 -7.68 17.83
N ASP A 154 2.98 -8.21 18.57
CA ASP A 154 2.81 -9.66 18.68
C ASP A 154 2.83 -10.31 17.30
N ILE A 155 2.09 -9.73 16.36
CA ILE A 155 1.94 -10.32 15.04
C ILE A 155 3.25 -10.27 14.28
N ARG A 156 3.89 -9.11 14.27
CA ARG A 156 5.17 -9.00 13.57
C ARG A 156 6.15 -10.02 14.10
N PHE A 157 6.34 -10.02 15.42
CA PHE A 157 7.22 -11.00 16.07
C PHE A 157 6.90 -12.42 15.64
N TYR A 158 5.64 -12.86 15.80
CA TYR A 158 5.32 -14.24 15.48
C TYR A 158 5.41 -14.49 13.98
N MET A 159 4.92 -13.57 13.16
CA MET A 159 5.20 -13.64 11.74
C MET A 159 6.69 -13.88 11.51
N TYR A 160 7.55 -13.19 12.26
CA TYR A 160 8.98 -13.36 12.05
C TYR A 160 9.41 -14.76 12.45
N GLU A 161 8.91 -15.25 13.59
CA GLU A 161 9.28 -16.59 14.01
C GLU A 161 8.93 -17.62 12.95
N ILE A 162 7.76 -17.45 12.32
CA ILE A 162 7.35 -18.40 11.30
C ILE A 162 8.27 -18.33 10.08
N LEU A 163 8.64 -17.11 9.66
CA LEU A 163 9.51 -16.97 8.49
C LEU A 163 10.84 -17.68 8.71
N LYS A 164 11.38 -17.59 9.94
CA LYS A 164 12.57 -18.36 10.30
C LYS A 164 12.38 -19.84 9.95
N ALA A 165 11.24 -20.41 10.37
CA ALA A 165 10.97 -21.81 10.06
C ALA A 165 10.84 -22.05 8.56
N LEU A 166 10.35 -21.04 7.83
CA LEU A 166 10.13 -21.19 6.39
C LEU A 166 11.44 -21.06 5.60
N ASP A 167 12.23 -20.02 5.87
CA ASP A 167 13.54 -19.93 5.24
C ASP A 167 14.35 -21.18 5.53
N TYR A 168 14.23 -21.73 6.73
CA TYR A 168 15.08 -22.87 7.04
C TYR A 168 14.71 -24.09 6.20
N CYS A 169 13.41 -24.39 6.07
CA CYS A 169 13.06 -25.65 5.40
C CYS A 169 13.12 -25.50 3.89
N HIS A 170 12.67 -24.35 3.35
CA HIS A 170 13.02 -24.04 1.98
C HIS A 170 14.51 -24.25 1.78
N SER A 171 15.33 -23.50 2.52
CA SER A 171 16.76 -23.64 2.35
C SER A 171 17.23 -25.08 2.56
N MET A 172 16.43 -25.90 3.24
CA MET A 172 16.69 -27.34 3.38
C MET A 172 16.04 -28.15 2.26
N GLY A 173 15.54 -27.51 1.21
CA GLY A 173 14.90 -28.17 0.09
C GLY A 173 13.50 -28.71 0.32
N ILE A 174 12.75 -28.21 1.31
CA ILE A 174 11.43 -28.75 1.66
C ILE A 174 10.35 -27.67 1.58
N MET A 175 9.21 -28.00 0.94
CA MET A 175 8.01 -27.16 1.01
C MET A 175 7.09 -27.75 2.07
N HIS A 176 6.66 -26.91 3.02
CA HIS A 176 5.73 -27.38 4.05
C HIS A 176 4.36 -27.73 3.46
N ARG A 177 3.79 -26.84 2.64
CA ARG A 177 2.59 -27.06 1.84
C ARG A 177 1.32 -27.13 2.67
N ASP A 178 1.36 -26.82 3.97
CA ASP A 178 0.11 -26.76 4.70
C ASP A 178 0.14 -25.64 5.75
N VAL A 179 0.87 -24.56 5.48
CA VAL A 179 0.95 -23.48 6.45
C VAL A 179 -0.44 -22.90 6.69
N LYS A 180 -0.75 -22.65 7.98
CA LYS A 180 -2.01 -22.08 8.47
C LYS A 180 -1.95 -22.01 10.00
N PRO A 181 -2.76 -21.17 10.64
CA PRO A 181 -2.64 -20.98 12.11
C PRO A 181 -2.82 -22.25 12.91
N HIS A 182 -3.67 -23.19 12.48
CA HIS A 182 -3.80 -24.43 13.25
C HIS A 182 -2.45 -25.17 13.32
N ASN A 183 -1.64 -25.10 12.26
CA ASN A 183 -0.39 -25.83 12.25
C ASN A 183 0.78 -25.02 12.80
N VAL A 184 0.49 -23.94 13.51
CA VAL A 184 1.50 -23.15 14.20
C VAL A 184 1.19 -23.23 15.69
N MET A 185 2.12 -23.77 16.47
CA MET A 185 1.95 -23.85 17.92
C MET A 185 2.70 -22.70 18.56
N ILE A 186 2.02 -21.97 19.44
CA ILE A 186 2.59 -20.81 20.09
C ILE A 186 2.52 -20.99 21.59
N ASP A 187 3.63 -20.70 22.27
CA ASP A 187 3.74 -20.69 23.71
C ASP A 187 3.93 -19.23 24.13
N HIS A 188 2.80 -18.52 24.24
CA HIS A 188 2.86 -17.06 24.38
C HIS A 188 3.67 -16.63 25.60
N GLU A 189 3.56 -17.35 26.72
CA GLU A 189 4.25 -16.91 27.93
C GLU A 189 5.76 -16.83 27.73
N HIS A 190 6.32 -17.66 26.84
CA HIS A 190 7.76 -17.69 26.59
C HIS A 190 8.13 -17.34 25.14
N ARG A 191 7.20 -16.79 24.37
CA ARG A 191 7.48 -16.30 23.02
C ARG A 191 8.13 -17.38 22.14
N LYS A 192 7.76 -18.64 22.37
CA LYS A 192 8.21 -19.77 21.60
C LYS A 192 7.12 -20.18 20.61
N LEU A 193 7.55 -20.63 19.43
CA LEU A 193 6.64 -20.93 18.34
C LEU A 193 7.23 -22.09 17.55
N ARG A 194 6.39 -23.07 17.21
CA ARG A 194 6.80 -24.26 16.49
C ARG A 194 5.86 -24.50 15.32
N LEU A 195 6.41 -24.64 14.12
CA LEU A 195 5.62 -25.04 12.98
C LEU A 195 5.50 -26.56 12.97
N ILE A 196 4.27 -27.06 13.10
CA ILE A 196 4.09 -28.49 13.34
C ILE A 196 3.42 -29.16 12.15
N ASP A 197 3.03 -30.42 12.33
CA ASP A 197 2.29 -31.19 11.33
C ASP A 197 2.87 -31.07 9.92
N TRP A 198 3.98 -31.79 9.68
CA TRP A 198 4.71 -31.76 8.41
C TRP A 198 4.23 -32.84 7.44
N GLY A 199 3.02 -33.36 7.64
CA GLY A 199 2.58 -34.50 6.86
C GLY A 199 2.28 -34.22 5.41
N LEU A 200 2.21 -32.96 5.00
CA LEU A 200 2.03 -32.64 3.59
C LEU A 200 3.31 -32.11 2.93
N ALA A 201 4.40 -31.99 3.68
CA ALA A 201 5.59 -31.41 3.10
C ALA A 201 6.13 -32.26 1.96
N GLU A 202 6.99 -31.66 1.14
CA GLU A 202 7.66 -32.40 0.09
C GLU A 202 9.01 -31.75 -0.20
N PHE A 203 9.89 -32.51 -0.83
CA PHE A 203 11.16 -31.95 -1.31
C PHE A 203 10.93 -31.23 -2.63
N TYR A 204 11.56 -30.08 -2.79
CA TYR A 204 11.49 -29.42 -4.08
C TYR A 204 12.52 -30.03 -5.01
N HIS A 205 12.09 -30.40 -6.22
CA HIS A 205 13.00 -30.78 -7.29
C HIS A 205 12.64 -30.02 -8.56
N PRO A 206 13.63 -29.46 -9.25
CA PRO A 206 13.30 -28.68 -10.46
C PRO A 206 12.64 -29.56 -11.52
N GLY A 207 11.55 -29.04 -12.10
CA GLY A 207 10.76 -29.74 -13.09
C GLY A 207 9.78 -30.77 -12.56
N GLN A 208 9.78 -31.07 -11.27
CA GLN A 208 8.81 -32.03 -10.74
C GLN A 208 7.41 -31.43 -10.69
N GLU A 209 6.41 -32.27 -10.91
CA GLU A 209 5.02 -31.85 -10.88
C GLU A 209 4.35 -32.48 -9.68
N TYR A 210 3.70 -31.64 -8.87
CA TYR A 210 3.19 -32.03 -7.57
C TYR A 210 1.67 -32.11 -7.61
N ASN A 211 1.10 -32.73 -6.58
CA ASN A 211 -0.34 -32.80 -6.43
C ASN A 211 -0.90 -31.43 -6.05
N VAL A 212 -1.98 -31.02 -6.71
CA VAL A 212 -2.61 -29.76 -6.30
C VAL A 212 -3.47 -29.95 -5.06
N ARG A 213 -4.13 -31.10 -4.91
CA ARG A 213 -4.89 -31.36 -3.70
C ARG A 213 -4.00 -31.42 -2.46
N VAL A 214 -3.45 -30.27 -2.05
CA VAL A 214 -2.68 -30.15 -0.82
C VAL A 214 -3.02 -28.83 -0.15
N ALA A 215 -2.70 -28.72 1.13
CA ALA A 215 -2.99 -27.56 1.95
C ALA A 215 -4.49 -27.42 2.16
N SER A 216 -4.88 -26.56 3.11
CA SER A 216 -6.28 -26.35 3.40
C SER A 216 -6.88 -25.31 2.45
N ARG A 217 -8.18 -25.46 2.18
CA ARG A 217 -8.83 -24.71 1.11
C ARG A 217 -8.65 -23.21 1.21
N TYR A 218 -8.96 -22.63 2.38
CA TYR A 218 -8.82 -21.20 2.58
C TYR A 218 -7.40 -20.72 2.34
N PHE A 219 -6.43 -21.64 2.29
CA PHE A 219 -5.03 -21.24 2.15
C PHE A 219 -4.37 -21.69 0.88
N LYS A 220 -5.11 -22.32 -0.04
CA LYS A 220 -4.50 -22.83 -1.26
C LYS A 220 -3.98 -21.68 -2.11
N GLY A 221 -2.85 -21.89 -2.77
CA GLY A 221 -2.36 -20.90 -3.68
C GLY A 221 -3.16 -20.88 -4.96
N PRO A 222 -3.18 -19.73 -5.63
CA PRO A 222 -3.79 -19.70 -6.97
C PRO A 222 -3.31 -20.82 -7.87
N GLU A 223 -2.02 -21.17 -7.80
CA GLU A 223 -1.50 -22.25 -8.64
C GLU A 223 -2.17 -23.59 -8.34
N LEU A 224 -2.48 -23.87 -7.06
CA LEU A 224 -3.26 -25.06 -6.76
C LEU A 224 -4.64 -25.03 -7.43
N LEU A 225 -5.29 -23.87 -7.44
CA LEU A 225 -6.69 -23.84 -7.88
C LEU A 225 -6.80 -23.87 -9.40
N VAL A 226 -5.87 -23.23 -10.11
CA VAL A 226 -5.81 -23.33 -11.56
C VAL A 226 -5.13 -24.60 -12.05
N ASP A 227 -4.55 -25.38 -11.14
CA ASP A 227 -3.95 -26.67 -11.45
C ASP A 227 -2.66 -26.48 -12.23
N TYR A 228 -1.72 -25.73 -11.65
CA TYR A 228 -0.36 -25.64 -12.16
C TYR A 228 0.51 -26.51 -11.27
N GLN A 229 0.97 -27.64 -11.77
CA GLN A 229 1.60 -28.65 -10.92
C GLN A 229 3.10 -28.43 -10.66
N MET A 230 3.74 -27.43 -11.26
CA MET A 230 5.19 -27.33 -11.14
C MET A 230 5.51 -26.13 -10.25
N TYR A 231 4.95 -26.17 -9.04
CA TYR A 231 5.09 -25.09 -8.07
C TYR A 231 6.29 -25.38 -7.17
N ASP A 232 6.51 -24.49 -6.21
CA ASP A 232 7.70 -24.54 -5.39
C ASP A 232 7.42 -23.87 -4.05
N TYR A 233 8.50 -23.52 -3.33
CA TYR A 233 8.40 -22.97 -1.99
C TYR A 233 7.42 -21.81 -1.92
N SER A 234 7.29 -21.04 -3.00
CA SER A 234 6.52 -19.80 -2.89
C SER A 234 5.04 -20.04 -2.62
N LEU A 235 4.58 -21.28 -2.68
CA LEU A 235 3.23 -21.59 -2.25
C LEU A 235 3.09 -21.42 -0.75
N ASP A 236 4.12 -21.82 0.01
CA ASP A 236 4.10 -21.52 1.44
C ASP A 236 3.96 -20.02 1.65
N MET A 237 4.58 -19.22 0.78
CA MET A 237 4.53 -17.78 0.95
C MET A 237 3.13 -17.26 0.72
N TRP A 238 2.40 -17.78 -0.28
CA TRP A 238 1.00 -17.39 -0.43
C TRP A 238 0.21 -17.69 0.82
N SER A 239 0.45 -18.84 1.45
CA SER A 239 -0.31 -19.16 2.64
C SER A 239 0.08 -18.23 3.78
N LEU A 240 1.37 -17.93 3.89
CA LEU A 240 1.78 -16.93 4.87
C LEU A 240 1.00 -15.63 4.69
N GLY A 241 0.67 -15.27 3.46
CA GLY A 241 -0.10 -14.06 3.25
C GLY A 241 -1.55 -14.18 3.68
N CYS A 242 -2.14 -15.40 3.51
CA CYS A 242 -3.51 -15.61 3.96
C CYS A 242 -3.57 -15.55 5.48
N MET A 243 -2.57 -16.12 6.17
CA MET A 243 -2.46 -15.90 7.59
C MET A 243 -2.33 -14.41 7.91
N LEU A 244 -1.45 -13.70 7.21
CA LEU A 244 -1.23 -12.28 7.49
C LEU A 244 -2.52 -11.50 7.38
N ALA A 245 -3.20 -11.64 6.25
CA ALA A 245 -4.45 -10.92 6.04
C ALA A 245 -5.39 -11.17 7.22
N SER A 246 -5.75 -12.44 7.47
CA SER A 246 -6.78 -12.71 8.45
C SER A 246 -6.45 -12.09 9.80
N MET A 247 -5.17 -11.93 10.10
CA MET A 247 -4.77 -11.45 11.42
C MET A 247 -4.69 -9.94 11.51
N ILE A 248 -4.20 -9.25 10.46
CA ILE A 248 -4.20 -7.80 10.60
C ILE A 248 -5.62 -7.24 10.40
N PHE A 249 -6.42 -7.87 9.53
CA PHE A 249 -7.79 -7.38 9.33
C PHE A 249 -8.80 -8.01 10.30
N ARG A 250 -8.42 -9.07 11.02
CA ARG A 250 -9.36 -9.78 11.90
C ARG A 250 -10.54 -10.31 11.09
N LYS A 251 -10.20 -11.01 10.02
CA LYS A 251 -11.15 -11.64 9.09
C LYS A 251 -10.66 -13.06 8.89
N GLU A 252 -11.45 -14.04 9.33
CA GLU A 252 -11.01 -15.43 9.40
C GLU A 252 -12.07 -16.39 8.87
N PRO A 253 -11.88 -16.95 7.68
CA PRO A 253 -10.67 -16.75 6.88
C PRO A 253 -10.73 -15.48 6.03
N PHE A 254 -9.61 -15.06 5.46
CA PHE A 254 -9.62 -13.89 4.60
C PHE A 254 -10.28 -14.18 3.24
N PHE A 255 -9.85 -15.25 2.59
CA PHE A 255 -10.47 -15.72 1.36
C PHE A 255 -11.37 -16.89 1.75
N HIS A 256 -12.66 -16.61 1.90
CA HIS A 256 -13.61 -17.55 2.50
C HIS A 256 -14.39 -18.28 1.40
N GLY A 257 -13.75 -19.31 0.84
CA GLY A 257 -14.30 -20.03 -0.30
C GLY A 257 -15.21 -21.20 0.07
N HIS A 258 -16.33 -21.31 -0.64
CA HIS A 258 -17.26 -22.43 -0.50
C HIS A 258 -16.71 -23.75 -1.08
N ASP A 259 -15.64 -23.72 -1.86
CA ASP A 259 -15.04 -24.94 -2.40
C ASP A 259 -13.79 -24.56 -3.17
N ASN A 260 -13.07 -25.53 -3.74
CA ASN A 260 -11.85 -25.16 -4.44
C ASN A 260 -12.15 -24.20 -5.59
N TYR A 261 -13.30 -24.36 -6.26
CA TYR A 261 -13.64 -23.45 -7.35
C TYR A 261 -13.92 -22.05 -6.85
N ASP A 262 -14.93 -21.90 -5.98
CA ASP A 262 -15.22 -20.60 -5.38
C ASP A 262 -13.99 -19.95 -4.76
N GLN A 263 -13.14 -20.74 -4.10
CA GLN A 263 -11.98 -20.14 -3.48
C GLN A 263 -11.22 -19.28 -4.47
N LEU A 264 -11.15 -19.71 -5.74
CA LEU A 264 -10.49 -18.87 -6.73
C LEU A 264 -11.33 -17.67 -7.09
N VAL A 265 -12.66 -17.80 -7.03
CA VAL A 265 -13.47 -16.60 -7.22
C VAL A 265 -13.26 -15.62 -6.07
N ARG A 266 -13.17 -16.13 -4.84
CA ARG A 266 -13.00 -15.22 -3.72
C ARG A 266 -11.69 -14.46 -3.83
N ILE A 267 -10.62 -15.13 -4.26
CA ILE A 267 -9.36 -14.43 -4.45
C ILE A 267 -9.49 -13.39 -5.57
N ALA A 268 -10.10 -13.78 -6.69
CA ALA A 268 -10.16 -12.87 -7.82
C ALA A 268 -10.87 -11.58 -7.46
N LYS A 269 -11.87 -11.66 -6.58
CA LYS A 269 -12.62 -10.45 -6.20
C LYS A 269 -11.74 -9.44 -5.48
N VAL A 270 -10.67 -9.91 -4.84
CA VAL A 270 -9.73 -9.04 -4.15
C VAL A 270 -8.60 -8.65 -5.11
N LEU A 271 -7.91 -9.65 -5.67
CA LEU A 271 -6.80 -9.35 -6.58
C LEU A 271 -7.27 -8.92 -7.96
N GLY A 272 -8.53 -9.20 -8.31
CA GLY A 272 -9.05 -8.84 -9.62
C GLY A 272 -8.69 -9.87 -10.68
N THR A 273 -9.48 -9.88 -11.75
CA THR A 273 -9.31 -10.91 -12.76
C THR A 273 -8.19 -10.61 -13.74
N GLU A 274 -7.79 -9.34 -13.91
CA GLU A 274 -6.82 -8.99 -14.94
C GLU A 274 -5.47 -9.69 -14.69
N ASP A 275 -4.98 -9.65 -13.45
CA ASP A 275 -3.71 -10.32 -13.18
C ASP A 275 -3.89 -11.83 -13.17
N LEU A 276 -5.08 -12.30 -12.80
CA LEU A 276 -5.37 -13.72 -12.90
C LEU A 276 -5.21 -14.20 -14.34
N TYR A 277 -5.72 -13.43 -15.30
CA TYR A 277 -5.64 -13.86 -16.69
C TYR A 277 -4.26 -13.64 -17.28
N ASP A 278 -3.51 -12.66 -16.78
CA ASP A 278 -2.11 -12.56 -17.17
C ASP A 278 -1.32 -13.77 -16.70
N TYR A 279 -1.66 -14.29 -15.54
CA TYR A 279 -0.92 -15.40 -14.96
C TYR A 279 -1.25 -16.72 -15.64
N ILE A 280 -2.51 -16.93 -16.03
CA ILE A 280 -2.85 -18.04 -16.90
C ILE A 280 -2.13 -17.90 -18.22
N ASP A 281 -2.20 -16.70 -18.80
CA ASP A 281 -1.65 -16.47 -20.13
C ASP A 281 -0.16 -16.81 -20.19
N LYS A 282 0.62 -16.32 -19.21
CA LYS A 282 2.07 -16.44 -19.27
C LYS A 282 2.55 -17.87 -19.01
N TYR A 283 1.82 -18.63 -18.19
CA TYR A 283 2.12 -20.04 -17.98
C TYR A 283 1.32 -20.95 -18.88
N ASN A 284 0.48 -20.39 -19.76
CA ASN A 284 -0.30 -21.18 -20.70
C ASN A 284 -1.06 -22.27 -19.95
N ILE A 285 -1.61 -21.94 -18.77
CA ILE A 285 -2.42 -22.89 -18.05
C ILE A 285 -3.76 -23.09 -18.75
N GLU A 286 -4.25 -24.33 -18.75
CA GLU A 286 -5.57 -24.66 -19.28
C GLU A 286 -6.59 -24.47 -18.15
N LEU A 287 -7.39 -23.42 -18.24
CA LEU A 287 -8.38 -23.19 -17.20
C LEU A 287 -9.51 -24.19 -17.32
N ASP A 288 -9.78 -24.91 -16.25
CA ASP A 288 -11.00 -25.71 -16.16
C ASP A 288 -12.14 -24.89 -16.74
N PRO A 289 -12.90 -25.41 -17.70
CA PRO A 289 -13.99 -24.61 -18.28
C PRO A 289 -15.04 -24.23 -17.25
N ARG A 290 -15.15 -24.99 -16.14
CA ARG A 290 -16.03 -24.60 -15.04
C ARG A 290 -15.82 -23.13 -14.69
N PHE A 291 -14.57 -22.72 -14.52
CA PHE A 291 -14.26 -21.32 -14.22
C PHE A 291 -14.86 -20.38 -15.26
N ASN A 292 -14.69 -20.70 -16.55
CA ASN A 292 -15.10 -19.85 -17.67
C ASN A 292 -16.56 -19.41 -17.56
N ASP A 293 -17.19 -19.62 -16.40
CA ASP A 293 -18.54 -19.13 -16.13
C ASP A 293 -18.66 -18.35 -14.82
N ILE A 294 -17.71 -18.45 -13.89
CA ILE A 294 -17.91 -17.93 -12.55
C ILE A 294 -16.83 -16.93 -12.13
N LEU A 295 -15.72 -16.83 -12.87
CA LEU A 295 -14.69 -15.86 -12.50
C LEU A 295 -15.12 -14.43 -12.82
N GLY A 296 -15.72 -14.22 -13.99
CA GLY A 296 -16.16 -12.87 -14.26
C GLY A 296 -15.00 -11.91 -14.42
N ARG A 297 -15.33 -10.62 -14.32
CA ARG A 297 -14.38 -9.52 -14.39
C ARG A 297 -14.46 -8.71 -13.09
N HIS A 298 -13.31 -8.50 -12.46
CA HIS A 298 -13.25 -7.88 -11.15
C HIS A 298 -12.00 -7.00 -11.04
N SER A 299 -12.19 -5.76 -10.62
CA SER A 299 -11.05 -4.89 -10.37
C SER A 299 -10.25 -5.39 -9.16
N ARG A 300 -9.00 -4.93 -9.06
CA ARG A 300 -8.15 -5.21 -7.90
C ARG A 300 -8.41 -4.14 -6.83
N LYS A 301 -8.89 -4.56 -5.66
CA LYS A 301 -9.35 -3.63 -4.62
C LYS A 301 -8.22 -3.25 -3.66
N ARG A 302 -8.15 -1.98 -3.29
CA ARG A 302 -7.10 -1.52 -2.40
C ARG A 302 -7.34 -2.04 -1.00
N TRP A 303 -6.27 -2.39 -0.29
CA TRP A 303 -6.44 -3.01 1.02
C TRP A 303 -7.27 -2.13 1.96
N GLU A 304 -7.31 -0.81 1.74
CA GLU A 304 -8.04 0.05 2.68
C GLU A 304 -9.45 -0.44 2.94
N ARG A 305 -10.12 -1.05 1.95
CA ARG A 305 -11.52 -1.42 2.11
C ARG A 305 -11.74 -2.45 3.23
N PHE A 306 -10.71 -3.22 3.60
CA PHE A 306 -10.81 -4.19 4.69
C PHE A 306 -10.36 -3.63 6.02
N VAL A 307 -10.12 -2.34 6.09
CA VAL A 307 -9.73 -1.73 7.35
C VAL A 307 -10.96 -1.12 7.99
N HIS A 308 -11.11 -1.34 9.29
CA HIS A 308 -12.22 -0.79 10.05
C HIS A 308 -11.72 -0.57 11.47
N SER A 309 -12.60 0.07 12.28
CA SER A 309 -12.22 0.52 13.61
C SER A 309 -11.74 -0.60 14.51
N GLU A 310 -12.28 -1.81 14.31
CA GLU A 310 -11.94 -2.95 15.16
C GLU A 310 -10.57 -3.55 14.84
N ASN A 311 -9.99 -3.26 13.67
CA ASN A 311 -8.74 -3.89 13.28
C ASN A 311 -7.63 -2.88 12.98
N GLN A 312 -7.90 -1.58 13.08
CA GLN A 312 -6.96 -0.60 12.56
C GLN A 312 -5.63 -0.62 13.32
N HIS A 313 -5.68 -0.77 14.65
CA HIS A 313 -4.46 -0.74 15.44
C HIS A 313 -3.42 -1.75 14.94
N LEU A 314 -3.82 -2.71 14.09
CA LEU A 314 -2.90 -3.68 13.51
C LEU A 314 -2.52 -3.35 12.06
N VAL A 315 -3.25 -2.44 11.39
CA VAL A 315 -2.88 -2.11 10.01
C VAL A 315 -1.90 -0.94 10.03
N SER A 316 -0.99 -0.96 9.06
CA SER A 316 0.09 0.00 8.91
C SER A 316 0.47 0.02 7.44
N PRO A 317 1.01 1.11 6.94
CA PRO A 317 1.54 1.08 5.56
C PRO A 317 2.61 0.00 5.41
N GLU A 318 3.50 -0.12 6.40
CA GLU A 318 4.44 -1.22 6.41
C GLU A 318 3.71 -2.56 6.26
N ALA A 319 2.65 -2.77 7.03
CA ALA A 319 2.00 -4.08 7.03
C ALA A 319 1.23 -4.34 5.74
N LEU A 320 0.60 -3.30 5.18
CA LEU A 320 -0.14 -3.47 3.94
C LEU A 320 0.78 -3.65 2.74
N ASP A 321 1.88 -2.92 2.70
CA ASP A 321 2.86 -3.14 1.64
C ASP A 321 3.31 -4.60 1.63
N PHE A 322 3.70 -5.09 2.80
CA PHE A 322 4.25 -6.44 2.91
C PHE A 322 3.20 -7.49 2.53
N LEU A 323 1.93 -7.27 2.89
CA LEU A 323 0.88 -8.19 2.46
C LEU A 323 0.74 -8.19 0.94
N ASP A 324 0.76 -7.01 0.33
CA ASP A 324 0.65 -6.94 -1.12
C ASP A 324 1.72 -7.75 -1.82
N LYS A 325 2.94 -7.76 -1.26
CA LYS A 325 4.06 -8.44 -1.87
C LYS A 325 4.09 -9.94 -1.59
N LEU A 326 3.12 -10.49 -0.84
CA LEU A 326 2.97 -11.93 -0.74
C LEU A 326 1.80 -12.44 -1.56
N LEU A 327 0.67 -11.74 -1.58
CA LEU A 327 -0.55 -12.27 -2.19
C LEU A 327 -0.57 -11.94 -3.68
N ARG A 328 0.24 -12.69 -4.44
CA ARG A 328 0.31 -12.53 -5.87
C ARG A 328 0.03 -13.86 -6.55
N TYR A 329 -0.72 -13.78 -7.65
CA TYR A 329 -1.01 -14.95 -8.47
C TYR A 329 0.29 -15.60 -8.93
N ASP A 330 1.13 -14.83 -9.63
CA ASP A 330 2.39 -15.32 -10.14
C ASP A 330 3.29 -15.74 -8.99
N HIS A 331 3.39 -17.05 -8.75
CA HIS A 331 4.17 -17.55 -7.61
C HIS A 331 5.62 -17.08 -7.67
N GLN A 332 6.18 -16.91 -8.87
CA GLN A 332 7.54 -16.43 -8.95
C GLN A 332 7.72 -15.01 -8.47
N SER A 333 6.65 -14.23 -8.38
CA SER A 333 6.84 -12.83 -8.01
C SER A 333 6.52 -12.56 -6.55
N ARG A 334 6.02 -13.53 -5.80
CA ARG A 334 5.88 -13.35 -4.36
C ARG A 334 7.25 -13.21 -3.70
N LEU A 335 7.27 -12.48 -2.60
CA LEU A 335 8.46 -12.46 -1.75
C LEU A 335 8.90 -13.88 -1.43
N THR A 336 10.20 -14.08 -1.36
CA THR A 336 10.75 -15.27 -0.74
C THR A 336 10.71 -15.11 0.78
N ALA A 337 10.63 -16.24 1.48
CA ALA A 337 10.78 -16.19 2.93
C ALA A 337 11.91 -15.25 3.37
N ARG A 338 13.09 -15.36 2.76
CA ARG A 338 14.24 -14.55 3.19
C ARG A 338 14.05 -13.08 2.81
N GLU A 339 13.45 -12.82 1.63
CA GLU A 339 13.09 -11.45 1.27
C GLU A 339 12.03 -10.91 2.25
N ALA A 340 11.04 -11.73 2.57
CA ALA A 340 10.09 -11.35 3.61
C ALA A 340 10.80 -10.85 4.87
N MET A 341 11.75 -11.63 5.39
CA MET A 341 12.37 -11.22 6.65
C MET A 341 13.18 -9.93 6.56
N GLU A 342 13.41 -9.38 5.37
CA GLU A 342 14.12 -8.11 5.29
C GLU A 342 13.17 -6.94 5.15
N HIS A 343 11.85 -7.19 5.11
CA HIS A 343 10.88 -6.13 4.93
C HIS A 343 10.88 -5.16 6.09
N PRO A 344 10.50 -3.89 5.86
CA PRO A 344 10.46 -2.89 6.96
C PRO A 344 9.45 -3.22 8.03
N TYR A 345 8.38 -3.95 7.70
CA TYR A 345 7.41 -4.36 8.71
C TYR A 345 8.03 -5.12 9.87
N PHE A 346 9.26 -5.61 9.71
CA PHE A 346 9.97 -6.31 10.78
C PHE A 346 11.19 -5.54 11.29
N TYR A 347 11.42 -4.30 10.85
CA TYR A 347 12.60 -3.59 11.31
C TYR A 347 12.66 -3.58 12.83
N THR A 348 11.54 -3.26 13.47
CA THR A 348 11.48 -3.18 14.91
C THR A 348 11.88 -4.51 15.55
N VAL A 349 11.31 -5.62 15.05
CA VAL A 349 11.62 -6.94 15.57
C VAL A 349 13.11 -7.25 15.42
N VAL A 350 13.64 -7.08 14.19
CA VAL A 350 15.03 -7.44 13.89
C VAL A 350 15.98 -6.81 14.89
N LYS A 351 15.83 -5.49 15.11
CA LYS A 351 16.71 -4.80 16.05
C LYS A 351 16.50 -5.29 17.48
N ASP A 352 15.28 -5.69 17.83
CA ASP A 352 14.98 -6.13 19.20
C ASP A 352 15.76 -7.39 19.58
N GLN A 353 15.68 -8.42 18.74
CA GLN A 353 16.59 -9.54 18.88
C GLN A 353 18.01 -9.01 18.78
N ALA A 354 18.68 -8.84 19.92
CA ALA A 354 20.06 -8.39 19.97
C ALA A 354 20.42 -7.96 21.40
N SER B 24 -29.09 12.07 -18.06
CA SER B 24 -30.02 12.87 -17.28
C SER B 24 -29.27 13.91 -16.43
N GLY B 25 -28.05 14.27 -16.87
CA GLY B 25 -27.30 15.36 -16.28
C GLY B 25 -26.46 14.96 -15.07
N PRO B 26 -25.28 15.59 -14.95
CA PRO B 26 -24.34 15.18 -13.90
C PRO B 26 -25.01 15.05 -12.53
N VAL B 27 -24.44 14.17 -11.70
CA VAL B 27 -24.83 14.01 -10.31
C VAL B 27 -24.14 15.07 -9.45
N PRO B 28 -24.84 15.64 -8.47
CA PRO B 28 -24.25 16.73 -7.68
C PRO B 28 -23.22 16.20 -6.69
N SER B 29 -22.41 17.12 -6.19
CA SER B 29 -21.39 16.79 -5.20
C SER B 29 -21.28 17.91 -4.17
N ARG B 30 -20.93 17.54 -2.94
CA ARG B 30 -20.59 18.48 -1.88
C ARG B 30 -19.19 18.19 -1.37
N ALA B 31 -18.44 19.24 -1.01
CA ALA B 31 -17.22 19.04 -0.24
C ALA B 31 -17.58 18.27 1.03
N ARG B 32 -16.79 17.26 1.36
CA ARG B 32 -17.09 16.52 2.57
C ARG B 32 -16.41 17.12 3.79
N VAL B 33 -15.76 18.29 3.64
CA VAL B 33 -15.34 19.09 4.77
C VAL B 33 -15.44 20.55 4.34
N TYR B 34 -15.66 21.42 5.33
CA TYR B 34 -15.70 22.86 5.06
C TYR B 34 -16.77 23.22 4.06
N THR B 35 -17.81 22.38 3.97
CA THR B 35 -18.84 22.57 2.97
C THR B 35 -19.48 23.95 3.07
N ASP B 36 -19.73 24.42 4.29
CA ASP B 36 -20.64 25.55 4.46
C ASP B 36 -19.97 26.80 5.02
N VAL B 37 -18.65 26.81 5.13
CA VAL B 37 -17.93 27.92 5.78
C VAL B 37 -18.36 29.26 5.21
N ASN B 38 -18.33 29.40 3.88
CA ASN B 38 -18.58 30.70 3.28
C ASN B 38 -20.02 31.17 3.52
N THR B 39 -20.98 30.26 3.46
CA THR B 39 -22.37 30.62 3.72
C THR B 39 -22.54 31.29 5.08
N HIS B 40 -21.73 30.90 6.07
CA HIS B 40 -21.89 31.40 7.43
C HIS B 40 -21.01 32.61 7.70
N ARG B 41 -20.66 33.34 6.66
CA ARG B 41 -19.88 34.57 6.75
C ARG B 41 -20.69 35.75 6.25
N PRO B 42 -20.35 36.96 6.68
CA PRO B 42 -20.87 38.16 6.01
C PRO B 42 -20.55 38.11 4.52
N ARG B 43 -21.48 38.56 3.70
CA ARG B 43 -21.26 38.32 2.27
C ARG B 43 -20.08 39.13 1.73
N GLU B 44 -19.68 40.25 2.35
CA GLU B 44 -18.44 40.88 1.91
C GLU B 44 -17.29 39.89 1.88
N TYR B 45 -17.29 38.92 2.80
CA TYR B 45 -16.16 38.01 2.85
C TYR B 45 -15.91 37.37 1.49
N TRP B 46 -16.99 36.94 0.80
CA TRP B 46 -16.83 36.18 -0.44
C TRP B 46 -17.34 36.91 -1.68
N ASP B 47 -18.18 37.93 -1.53
CA ASP B 47 -18.69 38.73 -2.65
C ASP B 47 -17.60 39.72 -3.09
N TYR B 48 -16.61 39.20 -3.84
CA TYR B 48 -15.45 40.01 -4.17
C TYR B 48 -15.72 41.05 -5.27
N GLU B 49 -16.73 40.84 -6.11
CA GLU B 49 -16.99 41.83 -7.15
C GLU B 49 -17.27 43.20 -6.52
N SER B 50 -17.83 43.22 -5.31
CA SER B 50 -18.20 44.46 -4.65
C SER B 50 -17.08 45.00 -3.77
N HIS B 51 -15.95 44.30 -3.72
CA HIS B 51 -14.82 44.74 -2.90
C HIS B 51 -14.22 46.03 -3.44
N VAL B 52 -14.09 47.04 -2.55
CA VAL B 52 -13.43 48.32 -2.86
C VAL B 52 -11.96 48.22 -2.48
N VAL B 53 -11.09 48.45 -3.46
CA VAL B 53 -9.64 48.39 -3.26
C VAL B 53 -9.11 49.78 -2.96
N GLU B 54 -8.31 49.91 -1.90
CA GLU B 54 -7.72 51.19 -1.55
C GLU B 54 -6.25 51.17 -1.95
N TRP B 55 -5.89 52.02 -2.92
CA TRP B 55 -4.58 51.95 -3.59
C TRP B 55 -3.52 52.77 -2.86
N GLY B 56 -2.31 52.20 -2.78
CA GLY B 56 -1.10 52.94 -2.46
C GLY B 56 -0.44 53.51 -3.72
N ASN B 57 0.76 54.09 -3.52
CA ASN B 57 1.48 54.81 -4.57
C ASN B 57 2.65 53.97 -5.06
N GLN B 58 2.68 53.73 -6.38
CA GLN B 58 3.81 53.02 -6.98
C GLN B 58 5.14 53.71 -6.68
N ASP B 59 5.14 55.03 -6.46
CA ASP B 59 6.40 55.69 -6.13
C ASP B 59 6.91 55.25 -4.77
N ASP B 60 6.14 54.45 -4.05
CA ASP B 60 6.66 54.02 -2.75
C ASP B 60 7.62 52.84 -2.86
N TYR B 61 7.72 52.20 -4.05
CA TYR B 61 8.67 51.14 -4.28
C TYR B 61 9.55 51.44 -5.49
N GLN B 62 10.69 50.74 -5.57
CA GLN B 62 11.60 50.85 -6.71
C GLN B 62 11.94 49.45 -7.17
N LEU B 63 11.72 49.17 -8.46
CA LEU B 63 12.01 47.86 -9.00
C LEU B 63 13.51 47.65 -9.08
N VAL B 64 13.98 46.49 -8.63
CA VAL B 64 15.40 46.16 -8.72
C VAL B 64 15.67 45.28 -9.95
N ARG B 65 15.11 44.08 -9.98
CA ARG B 65 15.28 43.18 -11.10
C ARG B 65 13.98 42.43 -11.35
N LYS B 66 13.95 41.75 -12.50
CA LYS B 66 12.80 40.96 -12.89
C LYS B 66 13.08 39.50 -12.59
N LEU B 67 12.04 38.80 -12.15
CA LEU B 67 12.14 37.39 -11.78
C LEU B 67 11.46 36.53 -12.84
N GLY B 68 12.03 35.34 -13.05
CA GLY B 68 11.62 34.49 -14.15
C GLY B 68 10.29 33.81 -13.91
N ARG B 69 9.32 34.01 -14.80
CA ARG B 69 7.96 33.49 -14.63
C ARG B 69 7.19 33.48 -15.94
N SER B 73 1.92 36.68 -15.29
CA SER B 73 2.31 38.08 -15.16
C SER B 73 3.83 38.29 -15.27
N GLU B 74 4.28 39.45 -14.78
CA GLU B 74 5.69 39.86 -14.77
C GLU B 74 6.04 40.32 -13.37
N VAL B 75 7.00 39.64 -12.75
CA VAL B 75 7.27 39.74 -11.34
C VAL B 75 8.67 40.30 -11.13
N PHE B 76 8.79 41.30 -10.27
CA PHE B 76 10.05 41.96 -10.02
C PHE B 76 10.37 41.92 -8.54
N GLU B 77 11.64 41.99 -8.21
CA GLU B 77 12.02 42.31 -6.84
C GLU B 77 12.23 43.82 -6.72
N ALA B 78 11.71 44.40 -5.64
CA ALA B 78 11.74 45.86 -5.45
C ALA B 78 12.14 46.14 -4.02
N ILE B 79 12.38 47.42 -3.72
CA ILE B 79 12.51 47.92 -2.35
C ILE B 79 11.50 49.03 -2.19
N ASN B 80 10.95 49.17 -0.99
CA ASN B 80 10.21 50.39 -0.71
C ASN B 80 11.19 51.37 -0.08
N ILE B 81 11.18 52.60 -0.59
CA ILE B 81 12.20 53.58 -0.27
C ILE B 81 11.84 54.21 1.06
N THR B 82 10.96 53.54 1.82
CA THR B 82 10.49 54.02 3.12
C THR B 82 11.12 53.30 4.29
N ASN B 83 11.22 51.97 4.24
CA ASN B 83 11.86 51.21 5.29
C ASN B 83 13.03 50.37 4.79
N ASN B 84 13.30 50.41 3.49
CA ASN B 84 14.52 49.84 2.89
C ASN B 84 14.49 48.32 2.81
N GLU B 85 13.30 47.72 2.87
CA GLU B 85 13.14 46.27 2.91
C GLU B 85 12.79 45.72 1.54
N LYS B 86 13.31 44.53 1.23
CA LYS B 86 12.98 43.83 0.00
C LYS B 86 11.47 43.54 -0.07
N VAL B 87 11.03 43.12 -1.26
CA VAL B 87 9.61 43.16 -1.58
C VAL B 87 9.43 42.65 -3.02
N VAL B 88 8.35 41.90 -3.28
CA VAL B 88 8.11 41.37 -4.61
C VAL B 88 6.93 42.10 -5.22
N VAL B 89 7.14 42.70 -6.40
CA VAL B 89 6.08 43.39 -7.12
C VAL B 89 5.60 42.49 -8.24
N LYS B 90 4.31 42.24 -8.30
CA LYS B 90 3.68 41.41 -9.32
C LYS B 90 2.78 42.32 -10.13
N ILE B 91 3.23 42.72 -11.31
CA ILE B 91 2.40 43.55 -12.18
C ILE B 91 1.37 42.64 -12.83
N LEU B 92 0.09 42.96 -12.64
CA LEU B 92 -0.98 42.04 -12.99
C LEU B 92 -1.23 42.04 -14.49
N LYS B 93 -1.45 40.80 -15.06
CA LYS B 93 -1.68 40.96 -16.49
C LYS B 93 -3.16 41.25 -16.77
N PRO B 94 -3.43 41.99 -17.88
CA PRO B 94 -4.72 42.69 -18.02
C PRO B 94 -5.95 41.80 -18.12
N VAL B 95 -6.29 41.14 -17.01
CA VAL B 95 -7.46 40.27 -16.93
C VAL B 95 -8.70 41.09 -16.59
N LYS B 96 -9.87 40.44 -16.57
CA LYS B 96 -11.09 41.10 -16.09
C LYS B 96 -10.83 41.71 -14.72
N LYS B 97 -11.31 42.95 -14.51
CA LYS B 97 -11.15 43.58 -13.20
C LYS B 97 -11.64 42.64 -12.09
N LYS B 98 -12.82 42.06 -12.28
CA LYS B 98 -13.37 41.00 -11.44
C LYS B 98 -12.25 40.09 -10.91
N LYS B 99 -11.51 39.48 -11.83
CA LYS B 99 -10.50 38.50 -11.41
C LYS B 99 -9.41 39.15 -10.58
N ILE B 100 -9.07 40.41 -10.89
CA ILE B 100 -8.13 41.14 -10.06
C ILE B 100 -8.72 41.34 -8.66
N LYS B 101 -10.00 41.72 -8.58
CA LYS B 101 -10.65 41.90 -7.29
C LYS B 101 -10.68 40.58 -6.53
N ARG B 102 -10.91 39.47 -7.23
CA ARG B 102 -10.95 38.18 -6.55
C ARG B 102 -9.60 37.82 -5.93
N GLU B 103 -8.51 37.95 -6.69
CA GLU B 103 -7.22 37.59 -6.12
C GLU B 103 -6.90 38.49 -4.94
N ILE B 104 -7.21 39.79 -5.04
CA ILE B 104 -6.94 40.69 -3.92
C ILE B 104 -7.72 40.28 -2.68
N LYS B 105 -9.02 40.01 -2.83
CA LYS B 105 -9.84 39.67 -1.67
C LYS B 105 -9.36 38.36 -1.03
N ILE B 106 -9.06 37.37 -1.86
CA ILE B 106 -8.63 36.08 -1.32
C ILE B 106 -7.29 36.24 -0.61
N LEU B 107 -6.37 37.00 -1.22
CA LEU B 107 -5.11 37.30 -0.56
C LEU B 107 -5.38 37.92 0.80
N GLU B 108 -6.38 38.79 0.89
CA GLU B 108 -6.59 39.53 2.12
C GLU B 108 -7.33 38.74 3.17
N ASN B 109 -8.19 37.81 2.76
CA ASN B 109 -8.77 36.89 3.73
C ASN B 109 -7.70 35.99 4.34
N LEU B 110 -6.79 35.48 3.47
CA LEU B 110 -5.79 34.52 3.93
C LEU B 110 -4.62 35.16 4.67
N ARG B 111 -4.48 36.49 4.67
CA ARG B 111 -3.32 37.13 5.32
C ARG B 111 -3.11 36.52 6.71
N GLY B 112 -1.85 36.18 7.00
CA GLY B 112 -1.47 35.66 8.30
C GLY B 112 -1.56 34.16 8.44
N GLY B 113 -2.21 33.46 7.50
CA GLY B 113 -2.30 32.03 7.53
C GLY B 113 -0.93 31.38 7.38
N PRO B 114 -0.77 30.20 7.96
CA PRO B 114 0.52 29.50 7.86
C PRO B 114 0.92 29.29 6.41
N ASN B 115 2.16 29.69 6.10
CA ASN B 115 2.76 29.49 4.78
C ASN B 115 1.97 30.14 3.64
N ILE B 116 1.10 31.11 3.92
CA ILE B 116 0.35 31.81 2.88
C ILE B 116 1.07 33.11 2.55
N ILE B 117 1.54 33.25 1.31
CA ILE B 117 2.22 34.48 0.90
C ILE B 117 1.44 35.70 1.36
N THR B 118 2.17 36.71 1.84
CA THR B 118 1.58 37.90 2.45
C THR B 118 1.49 39.08 1.48
N LEU B 119 0.31 39.66 1.40
CA LEU B 119 0.09 40.84 0.56
C LEU B 119 0.39 42.08 1.39
N ALA B 120 1.38 42.84 0.95
CA ALA B 120 1.82 44.02 1.66
C ALA B 120 1.17 45.29 1.16
N ASP B 121 0.80 45.34 -0.11
CA ASP B 121 0.27 46.58 -0.68
C ASP B 121 -0.33 46.31 -2.04
N ILE B 122 -1.04 47.30 -2.56
CA ILE B 122 -1.65 47.27 -3.88
C ILE B 122 -1.44 48.65 -4.50
N VAL B 123 -0.82 48.70 -5.68
CA VAL B 123 -0.43 49.96 -6.27
C VAL B 123 -0.80 49.94 -7.76
N LYS B 124 -0.60 51.08 -8.43
CA LYS B 124 -0.79 51.19 -9.87
C LYS B 124 0.53 51.64 -10.49
N ASP B 125 1.12 50.75 -11.32
CA ASP B 125 2.29 50.92 -12.18
C ASP B 125 2.36 52.36 -12.71
N PRO B 126 3.56 52.87 -13.05
CA PRO B 126 3.62 54.15 -13.82
C PRO B 126 2.74 54.16 -15.06
N VAL B 127 2.64 53.02 -15.74
CA VAL B 127 1.57 52.76 -16.72
C VAL B 127 0.24 52.66 -15.98
N SER B 128 -0.43 53.80 -15.78
CA SER B 128 -1.67 53.85 -14.99
C SER B 128 -2.59 52.73 -15.45
N ARG B 129 -3.67 52.50 -14.72
CA ARG B 129 -4.25 51.15 -14.80
C ARG B 129 -3.08 50.24 -14.43
N THR B 130 -2.98 49.05 -15.02
CA THR B 130 -1.92 48.13 -14.63
C THR B 130 -1.87 48.06 -13.11
N PRO B 131 -2.80 47.37 -12.46
CA PRO B 131 -2.68 47.15 -11.01
C PRO B 131 -1.45 46.31 -10.71
N ALA B 132 -0.88 46.51 -9.54
CA ALA B 132 0.26 45.69 -9.16
C ALA B 132 0.09 45.27 -7.71
N LEU B 133 0.45 44.03 -7.43
CA LEU B 133 0.43 43.51 -6.07
C LEU B 133 1.84 43.56 -5.50
N VAL B 134 1.96 44.02 -4.25
CA VAL B 134 3.24 44.06 -3.56
C VAL B 134 3.24 42.98 -2.51
N PHE B 135 4.20 42.06 -2.58
CA PHE B 135 4.19 40.89 -1.71
C PHE B 135 5.35 40.89 -0.72
N GLU B 136 5.15 40.15 0.36
CA GLU B 136 6.24 39.66 1.20
C GLU B 136 7.41 39.21 0.34
N HIS B 137 8.62 39.46 0.80
CA HIS B 137 9.76 38.90 0.08
C HIS B 137 10.01 37.45 0.51
N VAL B 138 10.22 36.58 -0.47
CA VAL B 138 10.75 35.24 -0.25
C VAL B 138 11.81 34.95 -1.29
N ASN B 139 12.84 34.21 -0.86
CA ASN B 139 13.95 33.87 -1.74
C ASN B 139 13.45 33.23 -3.03
N ASN B 140 13.53 33.98 -4.14
CA ASN B 140 13.16 33.51 -5.47
C ASN B 140 13.77 32.16 -5.75
N THR B 141 13.27 31.14 -5.07
CA THR B 141 13.62 29.75 -5.34
C THR B 141 12.38 28.95 -4.98
N ASP B 142 11.99 28.01 -5.86
CA ASP B 142 10.78 27.21 -5.71
C ASP B 142 11.14 25.71 -5.73
N PHE B 143 10.11 24.88 -5.53
CA PHE B 143 10.25 23.44 -5.30
C PHE B 143 10.84 22.69 -6.50
N LYS B 144 11.21 23.42 -7.57
CA LYS B 144 11.66 22.82 -8.81
C LYS B 144 13.18 22.86 -8.97
N GLN B 145 13.85 23.89 -8.44
CA GLN B 145 15.30 23.98 -8.56
C GLN B 145 16.02 23.12 -7.53
N LEU B 146 15.34 22.76 -6.44
CA LEU B 146 15.97 21.98 -5.37
C LEU B 146 16.10 20.51 -5.76
N TYR B 147 14.97 19.87 -6.07
CA TYR B 147 14.87 18.51 -6.60
C TYR B 147 15.99 17.56 -6.18
N GLN B 148 17.24 17.90 -6.52
CA GLN B 148 18.32 16.97 -6.22
C GLN B 148 18.66 16.95 -4.73
N THR B 149 18.84 18.13 -4.12
CA THR B 149 19.31 18.23 -2.74
C THR B 149 18.35 17.64 -1.72
N LEU B 150 17.18 17.16 -2.18
CA LEU B 150 16.11 16.78 -1.26
C LEU B 150 16.36 15.40 -0.68
N THR B 151 16.42 15.32 0.64
CA THR B 151 16.34 14.05 1.34
C THR B 151 14.90 13.58 1.40
N ASP B 152 14.73 12.34 1.87
CA ASP B 152 13.39 11.84 2.13
C ASP B 152 12.70 12.65 3.23
N TYR B 153 13.46 13.11 4.22
CA TYR B 153 12.88 13.94 5.27
C TYR B 153 12.44 15.29 4.73
N ASP B 154 13.30 15.94 3.94
CA ASP B 154 12.94 17.25 3.41
C ASP B 154 11.62 17.18 2.65
N ILE B 155 11.47 16.16 1.80
CA ILE B 155 10.22 15.99 1.09
C ILE B 155 9.05 15.91 2.06
N ARG B 156 9.25 15.26 3.20
CA ARG B 156 8.16 15.17 4.16
C ARG B 156 7.91 16.52 4.82
N PHE B 157 8.97 17.17 5.30
CA PHE B 157 8.84 18.45 5.98
C PHE B 157 8.10 19.46 5.13
N TYR B 158 8.41 19.52 3.83
CA TYR B 158 7.77 20.52 2.96
C TYR B 158 6.38 20.08 2.53
N MET B 159 6.18 18.82 2.19
CA MET B 159 4.82 18.38 2.01
C MET B 159 3.97 18.76 3.22
N TYR B 160 4.50 18.55 4.43
CA TYR B 160 3.75 18.95 5.61
C TYR B 160 3.45 20.44 5.58
N GLU B 161 4.41 21.25 5.12
CA GLU B 161 4.24 22.69 5.18
C GLU B 161 3.18 23.16 4.20
N ILE B 162 3.17 22.59 2.99
CA ILE B 162 2.10 22.90 2.05
C ILE B 162 0.75 22.57 2.67
N LEU B 163 0.64 21.40 3.30
CA LEU B 163 -0.64 21.01 3.90
C LEU B 163 -1.08 22.00 4.97
N LYS B 164 -0.15 22.64 5.68
CA LYS B 164 -0.59 23.68 6.59
C LYS B 164 -1.28 24.77 5.79
N ALA B 165 -0.70 25.14 4.65
CA ALA B 165 -1.28 26.20 3.85
C ALA B 165 -2.56 25.73 3.19
N LEU B 166 -2.59 24.47 2.74
CA LEU B 166 -3.77 23.94 2.08
C LEU B 166 -4.94 23.82 3.05
N ASP B 167 -4.71 23.22 4.23
CA ASP B 167 -5.80 23.07 5.19
C ASP B 167 -6.29 24.41 5.73
N TYR B 168 -5.45 25.45 5.69
CA TYR B 168 -5.94 26.73 6.16
C TYR B 168 -6.90 27.37 5.16
N CYS B 169 -6.41 27.68 3.94
CA CYS B 169 -7.30 28.27 2.95
C CYS B 169 -8.53 27.40 2.72
N HIS B 170 -8.37 26.08 2.75
CA HIS B 170 -9.56 25.22 2.72
C HIS B 170 -10.50 25.55 3.85
N SER B 171 -9.96 25.73 5.05
CA SER B 171 -10.84 26.05 6.17
C SER B 171 -11.43 27.45 6.04
N MET B 172 -10.88 28.31 5.19
CA MET B 172 -11.47 29.62 4.94
C MET B 172 -12.28 29.66 3.65
N GLY B 173 -12.76 28.50 3.18
CA GLY B 173 -13.61 28.45 1.98
C GLY B 173 -12.96 28.87 0.69
N ILE B 174 -11.65 28.67 0.55
CA ILE B 174 -10.96 29.04 -0.69
C ILE B 174 -10.27 27.81 -1.28
N MET B 175 -10.46 27.59 -2.59
CA MET B 175 -9.69 26.62 -3.38
C MET B 175 -8.49 27.33 -4.01
N HIS B 176 -7.31 26.71 -3.95
CA HIS B 176 -6.19 27.39 -4.65
C HIS B 176 -6.26 27.14 -6.15
N ARG B 177 -6.67 25.92 -6.54
CA ARG B 177 -6.92 25.54 -7.93
C ARG B 177 -5.71 25.66 -8.85
N ASP B 178 -4.54 26.06 -8.33
CA ASP B 178 -3.35 26.07 -9.16
C ASP B 178 -2.15 25.50 -8.41
N VAL B 179 -2.36 24.46 -7.60
CA VAL B 179 -1.23 23.93 -6.85
C VAL B 179 -0.26 23.24 -7.82
N LYS B 180 1.06 23.51 -7.62
CA LYS B 180 2.15 23.07 -8.49
C LYS B 180 3.49 23.60 -7.98
N PRO B 181 4.62 22.96 -8.29
CA PRO B 181 5.90 23.37 -7.67
C PRO B 181 6.31 24.81 -8.01
N HIS B 182 6.10 25.26 -9.25
CA HIS B 182 6.44 26.65 -9.55
CA HIS B 182 6.36 26.66 -9.60
C HIS B 182 5.72 27.63 -8.63
N ASN B 183 4.67 27.18 -7.91
CA ASN B 183 3.93 28.05 -7.01
C ASN B 183 4.22 27.80 -5.53
N VAL B 184 5.28 27.05 -5.20
CA VAL B 184 5.72 26.92 -3.82
C VAL B 184 7.11 27.53 -3.71
N MET B 185 7.17 28.68 -3.06
CA MET B 185 8.44 29.36 -2.83
C MET B 185 9.07 28.79 -1.56
N ILE B 186 10.29 28.29 -1.67
CA ILE B 186 10.97 27.69 -0.53
C ILE B 186 12.24 28.45 -0.25
N ASP B 187 12.49 28.71 1.02
CA ASP B 187 13.74 29.34 1.46
C ASP B 187 14.50 28.27 2.26
N HIS B 188 15.28 27.44 1.54
CA HIS B 188 15.87 26.27 2.18
C HIS B 188 16.73 26.65 3.38
N GLU B 189 17.44 27.77 3.28
CA GLU B 189 18.33 28.14 4.38
C GLU B 189 17.53 28.26 5.69
N HIS B 190 16.33 28.82 5.62
CA HIS B 190 15.49 28.97 6.80
C HIS B 190 14.32 28.00 6.82
N ARG B 191 14.22 27.11 5.84
CA ARG B 191 13.16 26.12 5.80
C ARG B 191 11.79 26.79 5.76
N LYS B 192 11.72 27.90 5.03
CA LYS B 192 10.55 28.75 4.97
C LYS B 192 9.87 28.55 3.63
N LEU B 193 8.61 28.14 3.67
CA LEU B 193 7.85 27.83 2.46
C LEU B 193 6.65 28.76 2.38
N ARG B 194 6.24 29.07 1.15
CA ARG B 194 5.10 29.97 0.93
C ARG B 194 4.32 29.52 -0.30
N LEU B 195 3.04 29.22 -0.11
CA LEU B 195 2.16 29.01 -1.23
C LEU B 195 1.82 30.36 -1.86
N ILE B 196 2.16 30.53 -3.13
CA ILE B 196 1.97 31.80 -3.83
C ILE B 196 1.02 31.68 -5.01
N ASP B 197 0.99 32.73 -5.83
CA ASP B 197 0.14 32.87 -7.01
C ASP B 197 -1.29 32.41 -6.77
N TRP B 198 -2.09 33.30 -6.18
CA TRP B 198 -3.47 32.99 -5.86
C TRP B 198 -4.43 33.45 -6.94
N GLY B 199 -3.91 33.67 -8.15
CA GLY B 199 -4.73 34.28 -9.19
C GLY B 199 -5.82 33.39 -9.80
N LEU B 200 -5.89 32.09 -9.45
CA LEU B 200 -6.94 31.22 -9.97
C LEU B 200 -7.85 30.70 -8.88
N ALA B 201 -7.65 31.16 -7.64
CA ALA B 201 -8.36 30.63 -6.49
C ALA B 201 -9.79 31.17 -6.45
N GLU B 202 -10.71 30.32 -6.01
CA GLU B 202 -12.11 30.69 -5.93
C GLU B 202 -12.62 30.39 -4.53
N PHE B 203 -13.71 31.06 -4.16
CA PHE B 203 -14.44 30.67 -2.96
C PHE B 203 -15.25 29.41 -3.25
N TYR B 204 -15.22 28.45 -2.32
CA TYR B 204 -16.05 27.26 -2.47
C TYR B 204 -17.47 27.58 -1.98
N HIS B 205 -18.46 27.31 -2.83
CA HIS B 205 -19.85 27.39 -2.42
C HIS B 205 -20.52 26.10 -2.86
N PRO B 206 -21.27 25.44 -1.97
CA PRO B 206 -21.88 24.15 -2.33
C PRO B 206 -22.81 24.30 -3.52
N GLY B 207 -22.60 23.42 -4.50
CA GLY B 207 -23.44 23.40 -5.68
C GLY B 207 -22.94 24.22 -6.84
N GLN B 208 -21.97 25.10 -6.61
CA GLN B 208 -21.48 25.93 -7.69
C GLN B 208 -20.74 25.08 -8.71
N GLU B 209 -21.02 25.33 -9.99
CA GLU B 209 -20.33 24.65 -11.08
C GLU B 209 -19.20 25.57 -11.54
N TYR B 210 -17.96 25.22 -11.19
CA TYR B 210 -16.79 26.01 -11.51
C TYR B 210 -16.26 25.69 -12.91
N ASN B 211 -15.51 26.64 -13.46
CA ASN B 211 -14.81 26.42 -14.72
C ASN B 211 -13.74 25.31 -14.55
N VAL B 212 -13.69 24.37 -15.50
CA VAL B 212 -12.64 23.36 -15.42
C VAL B 212 -11.32 23.87 -15.97
N ARG B 213 -11.34 24.93 -16.78
CA ARG B 213 -10.12 25.47 -17.41
C ARG B 213 -9.26 26.21 -16.39
N VAL B 214 -8.85 25.49 -15.36
CA VAL B 214 -7.96 26.00 -14.32
C VAL B 214 -6.78 25.05 -14.18
N ALA B 215 -5.76 25.50 -13.45
CA ALA B 215 -4.60 24.70 -13.06
C ALA B 215 -3.64 24.45 -14.23
N SER B 216 -2.44 23.96 -13.93
CA SER B 216 -1.53 23.59 -15.01
C SER B 216 -1.72 22.11 -15.37
N ARG B 217 -1.50 21.79 -16.65
CA ARG B 217 -1.90 20.50 -17.21
C ARG B 217 -1.42 19.31 -16.38
N TYR B 218 -0.11 19.17 -16.17
CA TYR B 218 0.37 17.99 -15.45
C TYR B 218 -0.25 17.84 -14.06
N PHE B 219 -1.01 18.83 -13.59
CA PHE B 219 -1.58 18.83 -12.25
C PHE B 219 -3.09 18.89 -12.22
N LYS B 220 -3.76 18.83 -13.37
CA LYS B 220 -5.21 18.86 -13.40
C LYS B 220 -5.79 17.55 -12.87
N GLY B 221 -6.79 17.66 -12.01
CA GLY B 221 -7.49 16.49 -11.55
C GLY B 221 -8.35 15.89 -12.64
N PRO B 222 -8.66 14.59 -12.54
CA PRO B 222 -9.61 13.97 -13.48
C PRO B 222 -10.85 14.81 -13.71
N GLU B 223 -11.44 15.35 -12.63
CA GLU B 223 -12.67 16.12 -12.74
C GLU B 223 -12.56 17.22 -13.80
N LEU B 224 -11.47 17.99 -13.76
CA LEU B 224 -11.21 18.96 -14.81
C LEU B 224 -11.14 18.30 -16.19
N LEU B 225 -10.51 17.13 -16.29
CA LEU B 225 -10.31 16.52 -17.61
C LEU B 225 -11.62 16.01 -18.19
N VAL B 226 -12.51 15.45 -17.34
CA VAL B 226 -13.83 14.99 -17.77
C VAL B 226 -14.86 16.09 -17.86
N ASP B 227 -14.51 17.32 -17.49
CA ASP B 227 -15.46 18.43 -17.44
C ASP B 227 -16.54 18.18 -16.40
N TYR B 228 -16.14 17.86 -15.18
CA TYR B 228 -17.08 17.77 -14.07
C TYR B 228 -16.86 19.00 -13.20
N GLN B 229 -17.87 19.88 -13.18
CA GLN B 229 -17.65 21.24 -12.69
C GLN B 229 -17.96 21.45 -11.21
N MET B 230 -18.66 20.52 -10.55
CA MET B 230 -19.04 20.67 -9.14
C MET B 230 -17.94 20.16 -8.20
N TYR B 231 -16.70 20.55 -8.47
CA TYR B 231 -15.54 20.08 -7.72
C TYR B 231 -15.27 20.98 -6.49
N ASP B 232 -14.19 20.71 -5.76
CA ASP B 232 -14.01 21.48 -4.54
C ASP B 232 -12.55 21.41 -4.08
N TYR B 233 -12.34 21.66 -2.78
CA TYR B 233 -10.98 21.68 -2.23
C TYR B 233 -10.20 20.43 -2.63
N SER B 234 -10.91 19.29 -2.76
CA SER B 234 -10.28 18.02 -3.06
C SER B 234 -9.46 18.09 -4.34
N LEU B 235 -9.77 19.06 -5.22
CA LEU B 235 -8.97 19.26 -6.43
C LEU B 235 -7.53 19.57 -6.06
N ASP B 236 -7.32 20.51 -5.14
CA ASP B 236 -5.98 20.81 -4.69
C ASP B 236 -5.24 19.54 -4.25
N MET B 237 -5.90 18.68 -3.47
CA MET B 237 -5.26 17.47 -2.99
C MET B 237 -4.83 16.55 -4.13
N TRP B 238 -5.59 16.50 -5.24
CA TRP B 238 -5.07 15.76 -6.39
C TRP B 238 -3.72 16.33 -6.82
N SER B 239 -3.69 17.64 -7.04
CA SER B 239 -2.44 18.26 -7.46
C SER B 239 -1.31 17.93 -6.49
N LEU B 240 -1.58 17.99 -5.18
CA LEU B 240 -0.54 17.67 -4.22
C LEU B 240 0.00 16.26 -4.49
N GLY B 241 -0.88 15.31 -4.74
CA GLY B 241 -0.43 14.00 -5.15
C GLY B 241 0.50 14.06 -6.33
N CYS B 242 0.18 14.88 -7.32
CA CYS B 242 1.04 14.93 -8.49
C CYS B 242 2.45 15.38 -8.12
N MET B 243 2.58 16.42 -7.28
CA MET B 243 3.91 16.76 -6.78
C MET B 243 4.54 15.59 -6.03
N LEU B 244 3.84 15.02 -5.04
CA LEU B 244 4.48 13.96 -4.25
C LEU B 244 4.96 12.84 -5.14
N ALA B 245 4.14 12.44 -6.12
CA ALA B 245 4.57 11.40 -7.05
C ALA B 245 5.88 11.79 -7.73
N SER B 246 5.91 12.97 -8.35
CA SER B 246 7.09 13.33 -9.11
C SER B 246 8.33 13.47 -8.23
N MET B 247 8.17 13.78 -6.93
CA MET B 247 9.36 13.92 -6.11
C MET B 247 9.89 12.57 -5.63
N ILE B 248 9.04 11.73 -5.01
CA ILE B 248 9.55 10.47 -4.48
C ILE B 248 9.98 9.55 -5.61
N PHE B 249 9.38 9.67 -6.79
CA PHE B 249 9.75 8.80 -7.89
C PHE B 249 10.86 9.39 -8.77
N ARG B 250 11.09 10.69 -8.68
CA ARG B 250 12.06 11.37 -9.55
C ARG B 250 11.69 11.10 -11.02
N LYS B 251 10.52 11.61 -11.38
CA LYS B 251 10.04 11.66 -12.75
C LYS B 251 9.25 12.96 -12.85
N GLU B 252 9.58 13.79 -13.83
CA GLU B 252 8.95 15.10 -13.91
C GLU B 252 8.46 15.36 -15.33
N PRO B 253 7.19 15.71 -15.51
CA PRO B 253 6.20 15.61 -14.44
C PRO B 253 5.79 14.14 -14.32
N PHE B 254 5.06 13.73 -13.29
CA PHE B 254 4.78 12.30 -13.14
C PHE B 254 3.74 11.79 -14.16
N PHE B 255 2.78 12.64 -14.54
CA PHE B 255 1.82 12.38 -15.62
C PHE B 255 2.10 13.42 -16.70
N HIS B 256 2.62 12.97 -17.85
CA HIS B 256 3.25 13.85 -18.84
C HIS B 256 2.47 13.80 -20.15
N GLY B 257 1.29 14.41 -20.20
CA GLY B 257 0.47 14.36 -21.39
C GLY B 257 0.73 15.50 -22.37
N HIS B 258 0.58 15.20 -23.66
CA HIS B 258 0.76 16.21 -24.68
C HIS B 258 -0.29 17.31 -24.58
N ASP B 259 -1.46 17.01 -24.01
CA ASP B 259 -2.64 17.87 -24.06
C ASP B 259 -3.63 17.39 -23.01
N ASN B 260 -4.76 18.09 -22.90
CA ASN B 260 -5.74 17.75 -21.86
C ASN B 260 -6.22 16.31 -22.00
N TYR B 261 -6.62 15.92 -23.21
CA TYR B 261 -7.12 14.56 -23.41
C TYR B 261 -6.07 13.53 -23.00
N ASP B 262 -4.95 13.50 -23.73
CA ASP B 262 -3.86 12.57 -23.44
C ASP B 262 -3.55 12.48 -21.95
N GLN B 263 -3.69 13.60 -21.22
CA GLN B 263 -3.37 13.58 -19.80
C GLN B 263 -4.22 12.54 -19.06
N LEU B 264 -5.54 12.57 -19.26
CA LEU B 264 -6.37 11.52 -18.70
C LEU B 264 -5.88 10.14 -19.13
N VAL B 265 -5.42 10.02 -20.37
CA VAL B 265 -4.90 8.74 -20.84
C VAL B 265 -3.63 8.35 -20.08
N ARG B 266 -2.75 9.30 -19.82
CA ARG B 266 -1.57 8.97 -19.03
C ARG B 266 -1.97 8.60 -17.60
N ILE B 267 -2.91 9.34 -16.99
CA ILE B 267 -3.40 8.96 -15.67
C ILE B 267 -4.07 7.59 -15.74
N ALA B 268 -4.89 7.35 -16.77
CA ALA B 268 -5.59 6.07 -16.86
C ALA B 268 -4.61 4.90 -16.98
N LYS B 269 -3.47 5.12 -17.62
CA LYS B 269 -2.46 4.07 -17.74
C LYS B 269 -1.79 3.74 -16.41
N VAL B 270 -2.16 4.42 -15.32
CA VAL B 270 -1.57 4.21 -14.01
C VAL B 270 -2.60 3.72 -13.00
N LEU B 271 -3.75 4.41 -12.91
CA LEU B 271 -4.83 4.00 -12.01
C LEU B 271 -5.82 3.06 -12.68
N GLY B 272 -5.55 2.61 -13.91
CA GLY B 272 -6.44 1.68 -14.57
C GLY B 272 -7.67 2.40 -15.08
N THR B 273 -8.46 1.73 -15.92
CA THR B 273 -9.69 2.35 -16.40
C THR B 273 -10.91 1.92 -15.62
N GLU B 274 -10.84 0.74 -14.97
CA GLU B 274 -11.98 0.26 -14.20
C GLU B 274 -12.47 1.33 -13.21
N ASP B 275 -11.53 1.94 -12.46
CA ASP B 275 -11.94 3.01 -11.55
C ASP B 275 -12.42 4.23 -12.30
N LEU B 276 -11.79 4.54 -13.44
CA LEU B 276 -12.12 5.79 -14.11
C LEU B 276 -13.54 5.74 -14.67
N TYR B 277 -13.97 4.58 -15.18
CA TYR B 277 -15.34 4.47 -15.64
C TYR B 277 -16.31 4.36 -14.47
N ASP B 278 -15.91 3.65 -13.42
CA ASP B 278 -16.71 3.66 -12.20
C ASP B 278 -16.95 5.08 -11.73
N TYR B 279 -15.95 5.94 -11.89
CA TYR B 279 -16.11 7.33 -11.51
C TYR B 279 -17.04 8.06 -12.48
N ILE B 280 -16.89 7.80 -13.78
CA ILE B 280 -17.88 8.29 -14.73
C ILE B 280 -19.28 7.90 -14.28
N ASP B 281 -19.51 6.59 -14.07
CA ASP B 281 -20.86 6.13 -13.78
C ASP B 281 -21.42 6.76 -12.52
N LYS B 282 -20.59 6.88 -11.47
CA LYS B 282 -21.12 7.33 -10.18
C LYS B 282 -21.67 8.75 -10.27
N TYR B 283 -21.00 9.62 -11.03
CA TYR B 283 -21.44 10.99 -11.20
C TYR B 283 -22.21 11.20 -12.50
N ASN B 284 -22.42 10.12 -13.27
CA ASN B 284 -23.14 10.24 -14.53
C ASN B 284 -22.51 11.31 -15.43
N ILE B 285 -21.19 11.30 -15.48
CA ILE B 285 -20.47 12.22 -16.36
C ILE B 285 -20.55 11.69 -17.79
N GLU B 286 -20.90 12.55 -18.73
CA GLU B 286 -20.93 12.16 -20.13
C GLU B 286 -19.57 12.47 -20.74
N LEU B 287 -18.90 11.43 -21.20
CA LEU B 287 -17.53 11.53 -21.67
C LEU B 287 -17.47 12.09 -23.07
N ASP B 288 -16.52 12.98 -23.29
CA ASP B 288 -16.23 13.49 -24.62
C ASP B 288 -16.08 12.32 -25.59
N PRO B 289 -16.85 12.28 -26.66
CA PRO B 289 -16.73 11.15 -27.62
C PRO B 289 -15.29 10.85 -28.02
N ARG B 290 -14.39 11.84 -27.96
CA ARG B 290 -12.98 11.61 -28.28
C ARG B 290 -12.39 10.52 -27.38
N PHE B 291 -12.54 10.68 -26.06
CA PHE B 291 -12.02 9.72 -25.09
C PHE B 291 -12.42 8.28 -25.39
N ASN B 292 -13.60 8.06 -25.96
CA ASN B 292 -13.99 6.72 -26.41
C ASN B 292 -12.80 5.98 -27.03
N ASP B 293 -12.07 6.65 -27.92
CA ASP B 293 -11.08 5.98 -28.75
C ASP B 293 -9.73 5.79 -28.06
N ILE B 294 -9.27 6.79 -27.30
CA ILE B 294 -7.89 6.79 -26.83
C ILE B 294 -7.67 6.16 -25.46
N LEU B 295 -8.74 5.98 -24.67
CA LEU B 295 -8.60 5.51 -23.29
C LEU B 295 -8.38 4.01 -23.17
N GLY B 296 -8.92 3.21 -24.10
CA GLY B 296 -8.75 1.77 -24.13
C GLY B 296 -9.10 1.12 -22.80
N ARG B 297 -8.36 0.04 -22.48
CA ARG B 297 -8.50 -0.66 -21.21
C ARG B 297 -7.13 -0.75 -20.55
N HIS B 298 -7.04 -0.32 -19.29
CA HIS B 298 -5.77 -0.32 -18.59
C HIS B 298 -5.97 -0.83 -17.18
N SER B 299 -5.01 -1.63 -16.72
CA SER B 299 -5.02 -2.11 -15.36
C SER B 299 -4.44 -1.04 -14.43
N ARG B 300 -4.96 -1.00 -13.21
CA ARG B 300 -4.33 -0.18 -12.18
C ARG B 300 -2.98 -0.79 -11.80
N LYS B 301 -1.96 0.04 -11.75
CA LYS B 301 -0.59 -0.42 -11.59
C LYS B 301 -0.10 -0.23 -10.16
N ARG B 302 0.72 -1.17 -9.71
CA ARG B 302 1.36 -1.09 -8.40
C ARG B 302 2.54 -0.13 -8.44
N TRP B 303 2.62 0.73 -7.43
CA TRP B 303 3.63 1.78 -7.44
C TRP B 303 5.04 1.22 -7.56
N GLU B 304 5.26 0.00 -7.07
CA GLU B 304 6.58 -0.61 -7.14
C GLU B 304 7.21 -0.52 -8.54
N ARG B 305 6.37 -0.51 -9.59
CA ARG B 305 6.88 -0.37 -10.96
C ARG B 305 7.64 0.94 -11.18
N PHE B 306 7.35 1.97 -10.42
CA PHE B 306 8.03 3.26 -10.57
C PHE B 306 9.19 3.41 -9.60
N VAL B 307 9.47 2.38 -8.80
CA VAL B 307 10.60 2.34 -7.90
C VAL B 307 11.80 1.82 -8.66
N HIS B 308 12.97 2.39 -8.37
CA HIS B 308 14.18 2.03 -9.10
C HIS B 308 15.38 2.43 -8.25
N SER B 309 16.57 1.96 -8.69
CA SER B 309 17.80 2.12 -7.90
C SER B 309 18.05 3.56 -7.48
N GLU B 310 17.66 4.53 -8.30
CA GLU B 310 18.01 5.92 -8.07
C GLU B 310 16.91 6.74 -7.43
N ASN B 311 15.79 6.14 -7.04
CA ASN B 311 14.79 6.84 -6.21
C ASN B 311 14.33 6.03 -5.02
N GLN B 312 14.86 4.81 -4.82
CA GLN B 312 14.39 3.97 -3.72
C GLN B 312 14.64 4.65 -2.36
N HIS B 313 15.65 5.51 -2.26
CA HIS B 313 15.90 6.13 -0.97
C HIS B 313 14.77 7.06 -0.53
N LEU B 314 13.89 7.49 -1.45
CA LEU B 314 12.77 8.34 -1.08
C LEU B 314 11.43 7.62 -1.01
N VAL B 315 11.40 6.30 -1.18
CA VAL B 315 10.13 5.59 -1.27
C VAL B 315 10.04 4.59 -0.14
N SER B 316 8.94 4.64 0.59
CA SER B 316 8.67 3.86 1.78
C SER B 316 7.25 3.30 1.70
N PRO B 317 6.93 2.29 2.52
CA PRO B 317 5.52 1.86 2.63
C PRO B 317 4.57 3.00 2.90
N GLU B 318 4.94 3.88 3.85
CA GLU B 318 4.11 5.03 4.17
C GLU B 318 3.96 5.96 2.97
N ALA B 319 5.07 6.28 2.29
CA ALA B 319 5.01 7.21 1.17
C ALA B 319 3.98 6.76 0.14
N LEU B 320 3.98 5.45 -0.17
CA LEU B 320 3.09 4.94 -1.21
C LEU B 320 1.64 4.93 -0.73
N ASP B 321 1.41 4.48 0.51
CA ASP B 321 0.07 4.55 1.07
C ASP B 321 -0.46 5.98 1.05
N PHE B 322 0.36 6.94 1.47
CA PHE B 322 -0.06 8.33 1.43
C PHE B 322 -0.34 8.78 -0.01
N LEU B 323 0.62 8.55 -0.91
CA LEU B 323 0.38 8.90 -2.31
C LEU B 323 -0.91 8.29 -2.80
N ASP B 324 -1.11 7.00 -2.53
CA ASP B 324 -2.28 6.29 -3.05
C ASP B 324 -3.59 6.97 -2.68
N LYS B 325 -3.65 7.56 -1.48
CA LYS B 325 -4.88 8.15 -0.99
C LYS B 325 -5.10 9.57 -1.48
N LEU B 326 -4.11 10.18 -2.14
CA LEU B 326 -4.37 11.44 -2.83
C LEU B 326 -4.83 11.20 -4.27
N LEU B 327 -4.25 10.22 -4.97
CA LEU B 327 -4.51 10.07 -6.39
C LEU B 327 -5.71 9.16 -6.59
N ARG B 328 -6.90 9.75 -6.64
CA ARG B 328 -8.14 9.01 -6.88
C ARG B 328 -9.01 9.81 -7.84
N TYR B 329 -9.60 9.12 -8.83
CA TYR B 329 -10.56 9.77 -9.69
C TYR B 329 -11.67 10.43 -8.88
N ASP B 330 -12.44 9.64 -8.15
CA ASP B 330 -13.46 10.20 -7.29
C ASP B 330 -12.89 11.21 -6.30
N HIS B 331 -13.09 12.50 -6.57
CA HIS B 331 -12.58 13.54 -5.68
C HIS B 331 -13.05 13.33 -4.25
N GLN B 332 -14.19 12.66 -4.07
CA GLN B 332 -14.74 12.61 -2.74
C GLN B 332 -13.92 11.76 -1.80
N SER B 333 -13.08 10.86 -2.32
CA SER B 333 -12.33 9.96 -1.46
C SER B 333 -10.85 10.31 -1.33
N ARG B 334 -10.38 11.34 -2.01
CA ARG B 334 -9.04 11.82 -1.73
C ARG B 334 -8.99 12.32 -0.30
N LEU B 335 -7.83 12.13 0.33
CA LEU B 335 -7.67 12.65 1.67
C LEU B 335 -8.01 14.13 1.69
N THR B 336 -8.54 14.60 2.81
CA THR B 336 -8.58 16.04 3.01
C THR B 336 -7.22 16.49 3.51
N ALA B 337 -6.97 17.80 3.41
CA ALA B 337 -5.73 18.35 3.97
C ALA B 337 -5.52 17.89 5.42
N ARG B 338 -6.50 18.11 6.29
CA ARG B 338 -6.33 17.71 7.68
C ARG B 338 -6.10 16.20 7.79
N GLU B 339 -6.86 15.38 7.04
CA GLU B 339 -6.58 13.95 7.02
C GLU B 339 -5.15 13.67 6.57
N ALA B 340 -4.73 14.30 5.47
CA ALA B 340 -3.35 14.16 5.02
C ALA B 340 -2.37 14.39 6.16
N MET B 341 -2.42 15.56 6.79
CA MET B 341 -1.51 15.88 7.89
C MET B 341 -1.48 14.83 9.00
N GLU B 342 -2.37 13.86 8.98
CA GLU B 342 -2.45 12.91 10.07
C GLU B 342 -1.94 11.53 9.66
N HIS B 343 -1.52 11.39 8.41
CA HIS B 343 -0.97 10.14 7.90
C HIS B 343 0.38 9.81 8.55
N PRO B 344 0.66 8.52 8.80
CA PRO B 344 1.93 8.15 9.47
C PRO B 344 3.16 8.67 8.76
N TYR B 345 3.10 8.84 7.44
CA TYR B 345 4.17 9.45 6.65
C TYR B 345 4.79 10.65 7.35
N PHE B 346 4.01 11.43 8.10
CA PHE B 346 4.50 12.69 8.66
C PHE B 346 4.83 12.61 10.16
N TYR B 347 4.76 11.43 10.79
CA TYR B 347 4.96 11.38 12.24
C TYR B 347 6.30 11.97 12.65
N THR B 348 7.34 11.75 11.86
CA THR B 348 8.66 12.24 12.23
C THR B 348 8.67 13.76 12.27
N VAL B 349 8.01 14.41 11.31
CA VAL B 349 8.04 15.87 11.25
C VAL B 349 7.03 16.47 12.23
N VAL B 350 5.93 15.75 12.53
CA VAL B 350 5.04 16.21 13.59
C VAL B 350 5.70 16.08 14.96
N LYS B 351 6.34 14.93 15.21
CA LYS B 351 7.20 14.77 16.39
C LYS B 351 8.19 15.93 16.53
N ASP B 352 8.86 16.29 15.43
CA ASP B 352 9.94 17.27 15.50
C ASP B 352 9.43 18.71 15.58
N GLN B 353 8.29 19.00 14.96
CA GLN B 353 7.74 20.36 15.01
C GLN B 353 7.11 20.67 16.37
N ALA B 354 7.68 20.14 17.45
CA ALA B 354 7.15 20.31 18.82
C ALA B 354 8.18 19.91 19.88
S SO4 C . 7.41 -51.13 8.07
O1 SO4 C . 6.20 -51.03 8.91
O2 SO4 C . 8.13 -52.36 8.44
O3 SO4 C . 6.99 -51.15 6.66
O4 SO4 C . 8.31 -49.99 8.29
S SO4 D . -8.44 -30.86 -1.60
O1 SO4 D . -8.64 -32.31 -1.82
O2 SO4 D . -9.52 -30.29 -0.76
O3 SO4 D . -8.51 -30.24 -2.93
O4 SO4 D . -7.10 -30.66 -0.99
S SO4 E . 3.40 -54.86 13.21
O1 SO4 E . 2.19 -54.53 14.00
O2 SO4 E . 4.00 -53.64 12.65
O3 SO4 E . 4.40 -55.53 14.07
O4 SO4 E . 2.98 -55.72 12.10
S SO4 F . 0.78 -35.87 -2.03
O1 SO4 F . -0.56 -36.10 -2.60
O2 SO4 F . 0.60 -35.20 -0.73
O3 SO4 F . 1.47 -37.15 -1.78
O4 SO4 F . 1.55 -35.08 -3.02
C1 PEG G . -15.86 -3.73 -8.74
O1 PEG G . -15.03 -4.03 -9.85
C2 PEG G . -16.35 -4.98 -8.07
O2 PEG G . -16.16 -6.10 -8.95
C3 PEG G . -17.17 -7.08 -8.77
C4 PEG G . -17.43 -7.26 -7.32
O4 PEG G . -16.23 -7.51 -6.60
C02 A1IVS H . 0.47 -44.76 20.75
C03 A1IVS H . -0.34 -45.37 21.70
C04 A1IVS H . 0.19 -45.69 22.97
C05 A1IVS H . 1.50 -45.38 23.27
C07 A1IVS H . 0.71 -46.33 25.07
C08 A1IVS H . -0.32 -46.30 24.12
C09 A1IVS H . 2.30 -44.73 22.30
C11 A1IVS H . 1.78 -44.42 21.05
F01 A1IVS H . -0.01 -44.43 19.50
F10 A1IVS H . 3.59 -44.41 22.59
N06 A1IVS H . 1.79 -45.77 24.55
H031 A1IVS H . -1.38 -45.61 21.46
H071 A1IVS H . 0.64 -46.75 26.07
H081 A1IVS H . -1.33 -46.68 24.26
H111 A1IVS H . 2.41 -43.93 20.32
H061 A1IVS H . 2.67 -45.67 25.00
S SO4 I . -11.11 0.26 -4.25
O1 SO4 I . -11.43 1.35 -3.29
O2 SO4 I . -12.03 0.30 -5.40
O3 SO4 I . -9.74 0.38 -4.76
O4 SO4 I . -11.28 -1.00 -3.50
S SO4 J . 1.90 -31.24 17.98
O1 SO4 J . 1.54 -29.98 17.32
O2 SO4 J . 2.34 -30.92 19.35
O3 SO4 J . 0.67 -32.06 17.95
O4 SO4 J . 3.00 -31.90 17.23
S SO4 K . 14.23 -24.20 17.99
O1 SO4 K . 13.37 -23.16 17.35
O2 SO4 K . 14.38 -23.79 19.41
O3 SO4 K . 13.64 -25.55 17.86
O4 SO4 K . 15.56 -24.25 17.32
C1 PEG L . 8.37 -1.72 -3.89
O1 PEG L . 9.49 -2.50 -4.30
C2 PEG L . 8.75 -0.61 -2.93
O2 PEG L . 7.93 -0.63 -1.74
C3 PEG L . 8.56 -0.04 -0.61
C4 PEG L . 9.76 0.78 -1.08
O4 PEG L . 10.71 1.04 -0.05
S SO4 M . -6.52 24.61 -20.17
O1 SO4 M . -7.87 24.07 -20.42
O2 SO4 M . -6.47 25.23 -18.80
O3 SO4 M . -6.23 25.59 -21.21
O4 SO4 M . -5.54 23.52 -20.33
S SO4 N . -12.20 31.29 -13.62
O1 SO4 N . -13.17 31.99 -14.47
O2 SO4 N . -12.87 31.23 -12.31
O3 SO4 N . -12.00 29.92 -14.13
O4 SO4 N . -10.85 31.91 -13.54
C02 A1IVS O . 5.16 49.00 -10.64
C03 A1IVS O . 6.27 49.65 -11.20
C04 A1IVS O . 7.08 50.48 -10.40
C05 A1IVS O . 6.78 50.67 -9.07
C07 A1IVS O . 8.60 51.89 -9.47
C08 A1IVS O . 8.24 51.26 -10.67
C09 A1IVS O . 5.63 50.01 -8.49
C11 A1IVS O . 4.85 49.18 -9.30
F01 A1IVS O . 4.37 48.19 -11.40
F10 A1IVS O . 5.26 50.14 -7.17
N06 A1IVS O . 7.72 51.52 -8.53
H031 A1IVS O . 6.50 49.51 -12.25
H071 A1IVS O . 9.45 52.54 -9.34
H081 A1IVS O . 8.75 51.34 -11.61
H111 A1IVS O . 3.99 48.69 -8.88
H061 A1IVS O . 7.74 51.83 -7.58
S SO4 P . -1.38 -1.68 -20.09
O1 SO4 P . -1.47 -0.20 -20.08
O2 SO4 P . -2.54 -2.29 -19.41
O3 SO4 P . -1.37 -2.14 -21.49
O4 SO4 P . -0.12 -2.05 -19.42
S SO4 Q . -10.81 50.50 -9.77
O1 SO4 Q . -12.24 50.39 -10.12
O2 SO4 Q . -10.73 50.82 -8.34
O3 SO4 Q . -10.15 49.22 -10.07
O4 SO4 Q . -10.19 51.58 -10.57
C02 A1IVS R . 9.06 35.03 -5.35
C03 A1IVS R . 8.23 35.53 -4.35
C04 A1IVS R . 6.90 35.93 -4.66
C05 A1IVS R . 6.43 35.82 -5.95
C07 A1IVS R . 4.74 36.65 -4.77
C08 A1IVS R . 5.81 36.46 -3.90
C09 A1IVS R . 7.29 35.30 -6.97
C11 A1IVS R . 8.60 34.92 -6.67
F01 A1IVS R . 10.36 34.65 -5.08
F10 A1IVS R . 6.82 35.17 -8.25
N06 A1IVS R . 5.13 36.26 -5.98
H031 A1IVS R . 8.60 35.61 -3.33
H071 A1IVS R . 3.76 37.03 -4.50
H081 A1IVS R . 5.82 36.70 -2.84
H111 A1IVS R . 9.24 34.54 -7.45
H061 A1IVS R . 4.56 36.29 -6.80
#